data_1L6Y
#
_entry.id   1L6Y
#
_cell.length_a   129.0
_cell.length_b   129.0
_cell.length_c   142.8
_cell.angle_alpha   90.00
_cell.angle_beta   90.00
_cell.angle_gamma   90.00
#
_symmetry.space_group_name_H-M   'P 4 21 2'
#
loop_
_entity.id
_entity.type
_entity.pdbx_description
1 polymer 'PORPHOBILINOGEN SYNTHASE'
2 non-polymer 'ZINC ION'
3 non-polymer 'MAGNESIUM ION'
4 non-polymer '4-OXODECANEDIOIC ACID'
5 non-polymer GLYCEROL
6 water water
#
_entity_poly.entity_id   1
_entity_poly.type   'polypeptide(L)'
_entity_poly.pdbx_seq_one_letter_code
;TDLIQRPRRLRKSPALRAMFEETTLSLNDLVLPIFVEEEIDDYKAVEAMPGVMRIPEKHLAREIERIANAGIRSVMTFGI
SHHTDETGSDAWREDGLVARMSRICKQTVPEMIVMSDTCFCEYTSHGHCGVL(CME)EHGVDNDATLENLGKQAVVAAAA
GADFIAPSAAMDGQVQAIRQALDAAGFKDTAIMSYSTKFASSFYGPFREAAGSALKGDRKSYQMNPMNRREAIRESLLDE
AQGADCLMVKPAGAYLDIVRELRERTELPIGAYQVSGEYAMIKFAALAGAIDEEKVVLESLGSIKRAGADLIFSYFALDL
AEKKILR
;
_entity_poly.pdbx_strand_id   A,B
#
loop_
_chem_comp.id
_chem_comp.type
_chem_comp.name
_chem_comp.formula
4OX non-polymer '4-OXODECANEDIOIC ACID' 'C10 H16 O5'
GOL non-polymer GLYCEROL 'C3 H8 O3'
MG non-polymer 'MAGNESIUM ION' 'Mg 2'
ZN non-polymer 'ZINC ION' 'Zn 2'
#
# COMPACT_ATOMS: atom_id res chain seq x y z
N THR A 1 25.68 -0.53 26.81
CA THR A 1 26.32 -1.04 25.54
C THR A 1 27.31 -0.08 24.88
N ASP A 2 28.07 -0.71 23.97
CA ASP A 2 29.10 -0.10 23.14
C ASP A 2 28.64 -0.14 21.66
N LEU A 3 27.73 0.74 21.30
CA LEU A 3 27.28 0.84 19.92
C LEU A 3 27.92 2.18 19.54
N ILE A 4 28.73 2.23 18.48
CA ILE A 4 29.27 3.52 18.05
C ILE A 4 28.08 4.13 17.26
N GLN A 5 27.30 3.21 16.65
CA GLN A 5 26.13 3.48 15.80
C GLN A 5 24.83 3.66 16.58
N ARG A 6 24.31 4.86 16.62
CA ARG A 6 23.03 5.07 17.28
C ARG A 6 22.11 5.92 16.38
N PRO A 7 21.33 5.23 15.53
CA PRO A 7 20.36 5.77 14.58
C PRO A 7 19.39 6.72 15.32
N ARG A 8 18.98 6.30 16.54
CA ARG A 8 18.09 7.07 17.43
C ARG A 8 18.55 8.52 17.73
N ARG A 9 19.83 8.80 17.50
CA ARG A 9 20.40 10.12 17.75
C ARG A 9 19.73 11.22 16.98
N LEU A 10 19.31 10.89 15.77
CA LEU A 10 18.66 11.91 14.94
C LEU A 10 17.14 11.96 15.06
N ARG A 11 16.58 11.12 15.91
CA ARG A 11 15.14 11.10 16.16
C ARG A 11 14.78 11.70 17.55
N LYS A 12 15.78 12.28 18.27
CA LYS A 12 15.61 12.87 19.64
C LYS A 12 14.57 13.97 19.75
N SER A 13 14.37 14.74 18.68
CA SER A 13 13.40 15.85 18.71
C SER A 13 12.68 16.05 17.38
N PRO A 14 11.63 16.87 17.39
CA PRO A 14 10.89 17.15 16.16
C PRO A 14 11.74 17.99 15.20
N ALA A 15 12.61 18.85 15.75
CA ALA A 15 13.49 19.71 14.97
C ALA A 15 14.46 18.82 14.22
N LEU A 16 15.05 17.87 14.95
CA LEU A 16 16.01 16.91 14.42
C LEU A 16 15.39 15.94 13.40
N ARG A 17 14.18 15.43 13.67
CA ARG A 17 13.47 14.52 12.72
C ARG A 17 13.21 15.28 11.44
N ALA A 18 13.01 16.59 11.55
CA ALA A 18 12.81 17.48 10.39
C ALA A 18 14.08 17.76 9.54
N MET A 19 15.19 18.09 10.20
CA MET A 19 16.42 18.37 9.45
C MET A 19 16.80 17.20 8.62
N PHE A 20 16.57 16.01 9.17
CA PHE A 20 16.93 14.74 8.53
C PHE A 20 15.84 13.94 7.79
N GLU A 21 14.70 14.59 7.54
CA GLU A 21 13.62 13.97 6.80
C GLU A 21 14.12 13.89 5.35
N GLU A 22 14.27 12.66 4.84
CA GLU A 22 14.78 12.42 3.47
C GLU A 22 13.81 12.74 2.33
N THR A 23 12.51 12.60 2.58
CA THR A 23 11.52 12.83 1.53
C THR A 23 10.57 13.95 1.93
N THR A 24 10.09 14.71 0.94
CA THR A 24 9.13 15.76 1.22
C THR A 24 8.09 15.91 0.09
N LEU A 25 6.82 15.93 0.52
CA LEU A 25 5.63 16.04 -0.31
C LEU A 25 5.06 17.47 -0.28
N SER A 26 4.74 18.01 -1.45
CA SER A 26 4.18 19.35 -1.52
C SER A 26 3.02 19.25 -2.50
N LEU A 27 2.32 20.35 -2.66
CA LEU A 27 1.18 20.40 -3.55
C LEU A 27 1.54 20.23 -5.03
N ASN A 28 2.74 20.61 -5.44
CA ASN A 28 3.13 20.48 -6.85
C ASN A 28 3.29 19.04 -7.25
N ASP A 29 3.08 18.14 -6.31
CA ASP A 29 3.20 16.74 -6.66
C ASP A 29 1.87 16.10 -7.04
N LEU A 30 0.78 16.71 -6.56
CA LEU A 30 -0.55 16.20 -6.83
C LEU A 30 -1.20 16.67 -8.18
N VAL A 31 -1.92 15.72 -8.81
CA VAL A 31 -2.73 15.94 -10.02
C VAL A 31 -4.13 15.54 -9.46
N LEU A 32 -5.10 16.42 -9.60
CA LEU A 32 -6.46 16.11 -9.14
C LEU A 32 -7.30 15.50 -10.24
N PRO A 33 -7.71 14.22 -10.07
CA PRO A 33 -8.55 13.57 -11.07
C PRO A 33 -9.91 14.21 -10.77
N ILE A 34 -10.62 14.66 -11.80
CA ILE A 34 -11.94 15.29 -11.66
C ILE A 34 -12.97 14.54 -12.52
N PHE A 35 -14.17 14.34 -11.95
CA PHE A 35 -15.30 13.65 -12.61
C PHE A 35 -16.34 14.61 -13.23
N VAL A 36 -16.61 14.49 -14.52
CA VAL A 36 -17.51 15.44 -15.17
C VAL A 36 -18.61 14.80 -15.99
N GLU A 37 -19.86 14.94 -15.52
CA GLU A 37 -21.03 14.36 -16.19
C GLU A 37 -21.77 15.36 -17.07
N GLU A 38 -21.96 14.98 -18.33
CA GLU A 38 -22.67 15.85 -19.27
C GLU A 38 -24.16 15.68 -19.04
N GLU A 39 -24.92 16.62 -19.60
CA GLU A 39 -26.37 16.56 -19.51
C GLU A 39 -26.94 16.21 -18.09
N ILE A 40 -26.50 16.91 -17.02
CA ILE A 40 -27.06 16.77 -15.63
C ILE A 40 -26.96 18.15 -15.06
N ASP A 41 -27.90 18.49 -14.16
CA ASP A 41 -27.92 19.84 -13.60
C ASP A 41 -27.35 19.92 -12.21
N ASP A 42 -27.55 18.86 -11.44
CA ASP A 42 -26.96 18.89 -10.07
C ASP A 42 -25.83 17.87 -9.66
N TYR A 43 -24.91 18.29 -8.80
CA TYR A 43 -23.79 17.43 -8.33
C TYR A 43 -24.15 16.04 -7.76
N LYS A 44 -23.54 14.98 -8.31
CA LYS A 44 -23.80 13.58 -7.89
C LYS A 44 -22.68 12.98 -7.00
N ALA A 45 -22.98 12.76 -5.72
CA ALA A 45 -21.98 12.17 -4.85
C ALA A 45 -21.79 10.70 -5.17
N VAL A 46 -20.51 10.25 -5.18
CA VAL A 46 -20.17 8.84 -5.42
C VAL A 46 -20.24 8.22 -4.05
N GLU A 47 -20.79 7.02 -4.01
CA GLU A 47 -21.01 6.39 -2.74
C GLU A 47 -19.83 5.71 -2.21
N ALA A 48 -19.19 4.92 -3.08
CA ALA A 48 -18.00 4.15 -2.77
C ALA A 48 -16.80 5.07 -2.48
N MET A 49 -16.92 6.33 -2.85
CA MET A 49 -15.84 7.27 -2.63
C MET A 49 -16.29 8.49 -1.90
N PRO A 50 -16.46 8.34 -0.60
CA PRO A 50 -16.87 9.31 0.42
C PRO A 50 -16.28 10.68 0.24
N GLY A 51 -17.04 11.62 -0.29
CA GLY A 51 -16.52 12.99 -0.46
C GLY A 51 -16.24 13.40 -1.89
N VAL A 52 -16.34 12.44 -2.79
CA VAL A 52 -16.11 12.72 -4.19
C VAL A 52 -17.49 12.70 -4.80
N MET A 53 -17.65 13.53 -5.84
CA MET A 53 -18.90 13.59 -6.59
C MET A 53 -18.70 14.04 -8.01
N ARG A 54 -19.63 13.64 -8.87
CA ARG A 54 -19.58 14.03 -10.26
C ARG A 54 -19.93 15.55 -10.38
N ILE A 55 -19.13 16.27 -11.17
CA ILE A 55 -19.29 17.71 -11.44
C ILE A 55 -20.19 17.84 -12.63
N PRO A 56 -21.35 18.48 -12.46
CA PRO A 56 -22.17 18.58 -13.66
C PRO A 56 -21.42 19.49 -14.64
N GLU A 57 -21.37 19.06 -15.89
CA GLU A 57 -20.67 19.85 -16.93
C GLU A 57 -20.91 21.39 -16.89
N LYS A 58 -22.15 21.78 -16.57
CA LYS A 58 -22.61 23.15 -16.50
C LYS A 58 -21.95 23.92 -15.35
N HIS A 59 -21.26 23.16 -14.51
CA HIS A 59 -20.57 23.76 -13.38
C HIS A 59 -19.05 23.59 -13.48
N LEU A 60 -18.62 22.75 -14.42
CA LEU A 60 -17.18 22.50 -14.63
C LEU A 60 -16.38 23.79 -14.50
N ALA A 61 -16.82 24.80 -15.24
CA ALA A 61 -16.18 26.10 -15.26
C ALA A 61 -15.98 26.73 -13.87
N ARG A 62 -17.00 26.61 -13.00
CA ARG A 62 -16.88 27.19 -11.67
C ARG A 62 -15.90 26.42 -10.78
N GLU A 63 -16.07 25.11 -10.78
CA GLU A 63 -15.22 24.27 -9.99
C GLU A 63 -13.74 24.31 -10.41
N ILE A 64 -13.45 24.38 -11.70
CA ILE A 64 -12.05 24.39 -12.10
C ILE A 64 -11.38 25.69 -11.77
N GLU A 65 -12.16 26.68 -11.37
CA GLU A 65 -11.56 27.96 -10.96
C GLU A 65 -11.25 27.72 -9.48
N ARG A 66 -12.18 27.03 -8.82
CA ARG A 66 -12.05 26.67 -7.39
C ARG A 66 -10.79 25.81 -7.18
N ILE A 67 -10.67 24.74 -8.00
CA ILE A 67 -9.52 23.82 -8.01
C ILE A 67 -8.25 24.65 -8.14
N ALA A 68 -8.19 25.42 -9.23
CA ALA A 68 -7.09 26.32 -9.58
C ALA A 68 -6.73 27.28 -8.49
N ASN A 69 -7.75 27.76 -7.81
CA ASN A 69 -7.52 28.71 -6.74
C ASN A 69 -6.93 28.14 -5.47
N ALA A 70 -7.21 26.87 -5.18
CA ALA A 70 -6.62 26.29 -3.99
C ALA A 70 -5.16 25.92 -4.30
N GLY A 71 -4.73 26.05 -5.57
CA GLY A 71 -3.35 25.75 -5.93
C GLY A 71 -3.02 24.52 -6.75
N ILE A 72 -4.01 23.67 -7.01
CA ILE A 72 -3.81 22.45 -7.80
C ILE A 72 -3.44 22.96 -9.16
N ARG A 73 -2.31 22.51 -9.68
CA ARG A 73 -1.92 23.00 -11.00
C ARG A 73 -2.23 22.07 -12.15
N SER A 74 -2.71 20.86 -11.87
CA SER A 74 -3.03 19.91 -12.93
C SER A 74 -4.29 19.12 -12.66
N VAL A 75 -4.98 18.72 -13.74
CA VAL A 75 -6.19 17.89 -13.59
C VAL A 75 -6.19 16.80 -14.64
N MET A 76 -6.86 15.71 -14.29
CA MET A 76 -7.04 14.52 -15.13
C MET A 76 -8.54 14.42 -15.26
N THR A 77 -9.03 14.69 -16.46
CA THR A 77 -10.45 14.66 -16.69
C THR A 77 -10.97 13.29 -17.03
N PHE A 78 -12.05 12.95 -16.34
CA PHE A 78 -12.77 11.72 -16.58
C PHE A 78 -14.23 12.14 -16.91
N GLY A 79 -14.77 11.65 -18.01
CA GLY A 79 -16.16 11.98 -18.34
C GLY A 79 -17.21 10.89 -18.13
N ILE A 80 -18.40 11.26 -17.63
CA ILE A 80 -19.50 10.28 -17.51
C ILE A 80 -20.36 10.62 -18.71
N SER A 81 -20.48 9.66 -19.62
CA SER A 81 -21.17 9.82 -20.91
C SER A 81 -22.69 9.57 -20.89
N HIS A 82 -23.36 10.16 -21.88
CA HIS A 82 -24.80 10.03 -22.11
C HIS A 82 -25.05 9.68 -23.57
N HIS A 83 -23.97 9.46 -24.31
CA HIS A 83 -24.00 9.11 -25.73
C HIS A 83 -23.00 7.99 -26.01
N THR A 84 -23.24 6.83 -25.41
CA THR A 84 -22.39 5.64 -25.55
C THR A 84 -22.74 4.63 -26.68
N ASP A 85 -21.89 4.49 -27.69
CA ASP A 85 -22.16 3.51 -28.75
C ASP A 85 -21.24 2.31 -28.69
N GLU A 86 -21.31 1.46 -29.71
CA GLU A 86 -20.47 0.29 -29.71
C GLU A 86 -18.98 0.62 -29.79
N THR A 87 -18.59 1.57 -30.67
CA THR A 87 -17.16 1.92 -30.74
C THR A 87 -16.69 2.98 -29.74
N GLY A 88 -17.64 3.61 -29.05
CA GLY A 88 -17.33 4.62 -28.06
C GLY A 88 -16.97 5.90 -28.78
N SER A 89 -17.52 6.06 -29.98
CA SER A 89 -17.24 7.18 -30.89
C SER A 89 -17.42 8.63 -30.42
N ASP A 90 -18.17 8.83 -29.35
CA ASP A 90 -18.37 10.20 -28.88
C ASP A 90 -17.03 10.78 -28.46
N ALA A 91 -16.20 9.90 -27.91
CA ALA A 91 -14.89 10.28 -27.39
C ALA A 91 -13.95 10.92 -28.40
N TRP A 92 -14.20 10.74 -29.73
CA TRP A 92 -13.37 11.37 -30.80
C TRP A 92 -14.14 12.33 -31.71
N ARG A 93 -15.23 12.86 -31.15
CA ARG A 93 -16.13 13.83 -31.78
C ARG A 93 -15.49 15.20 -31.59
N GLU A 94 -15.51 16.01 -32.66
CA GLU A 94 -14.95 17.37 -32.60
C GLU A 94 -15.42 18.06 -31.31
N ASP A 95 -16.63 17.78 -30.87
CA ASP A 95 -17.06 18.39 -29.64
C ASP A 95 -17.60 17.36 -28.64
N GLY A 96 -17.03 16.15 -28.64
CA GLY A 96 -17.48 15.14 -27.70
C GLY A 96 -17.33 15.64 -26.26
N LEU A 97 -17.67 14.84 -25.24
CA LEU A 97 -17.55 15.25 -23.83
C LEU A 97 -16.07 15.49 -23.53
N VAL A 98 -15.23 14.59 -24.07
CA VAL A 98 -13.78 14.65 -23.93
C VAL A 98 -13.28 16.03 -24.32
N ALA A 99 -13.49 16.44 -25.57
CA ALA A 99 -13.10 17.78 -25.99
C ALA A 99 -13.66 18.94 -25.08
N ARG A 100 -14.98 18.95 -24.86
CA ARG A 100 -15.63 19.98 -24.04
C ARG A 100 -14.98 20.08 -22.67
N MET A 101 -14.76 18.93 -22.04
CA MET A 101 -14.12 18.88 -20.71
C MET A 101 -12.76 19.62 -20.75
N SER A 102 -11.99 19.41 -21.83
CA SER A 102 -10.70 20.09 -21.95
C SER A 102 -10.89 21.55 -22.27
N ARG A 103 -11.60 21.82 -23.38
CA ARG A 103 -11.86 23.19 -23.80
C ARG A 103 -12.34 24.10 -22.62
N ILE A 104 -13.36 23.66 -21.89
CA ILE A 104 -13.89 24.40 -20.76
C ILE A 104 -12.87 24.71 -19.67
N CYS A 105 -11.97 23.76 -19.39
CA CYS A 105 -10.91 23.95 -18.39
C CYS A 105 -9.86 24.98 -18.89
N LYS A 106 -9.18 24.71 -20.01
CA LYS A 106 -8.17 25.65 -20.53
C LYS A 106 -8.75 27.07 -20.80
N GLN A 107 -10.02 27.11 -21.18
CA GLN A 107 -10.69 28.38 -21.41
C GLN A 107 -10.77 29.04 -20.03
N THR A 108 -11.47 28.40 -19.08
CA THR A 108 -11.61 28.95 -17.70
C THR A 108 -10.34 29.29 -16.88
N VAL A 109 -9.25 28.53 -17.06
CA VAL A 109 -8.00 28.76 -16.30
C VAL A 109 -6.87 28.35 -17.22
N PRO A 110 -6.44 29.26 -18.05
CA PRO A 110 -5.36 29.07 -19.03
C PRO A 110 -4.11 28.31 -18.62
N GLU A 111 -3.57 28.63 -17.45
CA GLU A 111 -2.34 28.02 -16.97
C GLU A 111 -2.46 26.68 -16.26
N MET A 112 -3.70 26.24 -16.14
CA MET A 112 -3.98 24.98 -15.51
C MET A 112 -3.53 23.89 -16.51
N ILE A 113 -2.83 22.89 -15.96
CA ILE A 113 -2.30 21.76 -16.72
C ILE A 113 -3.39 20.65 -16.85
N VAL A 114 -3.89 20.47 -18.10
CA VAL A 114 -4.99 19.56 -18.32
C VAL A 114 -4.58 18.25 -18.95
N MET A 115 -4.85 17.16 -18.23
CA MET A 115 -4.53 15.84 -18.74
C MET A 115 -5.86 15.24 -19.10
N SER A 116 -5.93 14.60 -20.26
CA SER A 116 -7.17 14.01 -20.72
C SER A 116 -7.14 12.49 -20.75
N ASP A 117 -7.91 11.87 -19.84
CA ASP A 117 -7.94 10.42 -19.83
C ASP A 117 -8.54 9.98 -21.17
N THR A 118 -7.65 9.42 -21.97
CA THR A 118 -7.89 8.93 -23.30
C THR A 118 -8.13 7.43 -23.35
N CYS A 119 -9.42 7.08 -23.42
CA CYS A 119 -9.91 5.71 -23.48
C CYS A 119 -11.37 5.67 -24.01
N PHE A 120 -12.01 4.51 -23.84
CA PHE A 120 -13.36 4.25 -24.33
C PHE A 120 -14.31 3.53 -23.42
N CYS A 121 -13.83 3.15 -22.23
CA CYS A 121 -14.63 2.37 -21.26
C CYS A 121 -15.87 3.07 -20.66
N GLU A 122 -15.88 4.39 -20.79
CA GLU A 122 -16.95 5.21 -20.28
C GLU A 122 -17.88 5.65 -21.42
N TYR A 123 -17.38 5.54 -22.66
CA TYR A 123 -18.10 5.91 -23.89
C TYR A 123 -18.56 4.74 -24.74
N THR A 124 -18.34 3.50 -24.28
CA THR A 124 -18.79 2.32 -25.03
C THR A 124 -20.00 1.66 -24.41
N SER A 125 -20.74 0.98 -25.26
CA SER A 125 -21.95 0.30 -24.84
C SER A 125 -21.56 -0.81 -23.90
N HIS A 126 -20.56 -1.60 -24.32
CA HIS A 126 -20.05 -2.74 -23.57
C HIS A 126 -19.17 -2.36 -22.38
N GLY A 127 -18.59 -1.16 -22.44
CA GLY A 127 -17.73 -0.67 -21.36
C GLY A 127 -16.29 -1.18 -21.33
N HIS A 128 -15.85 -1.89 -22.37
CA HIS A 128 -14.46 -2.39 -22.46
C HIS A 128 -13.67 -1.18 -22.95
N CYS A 129 -12.35 -1.19 -22.77
CA CYS A 129 -11.50 -0.07 -23.19
C CYS A 129 -11.22 0.09 -24.70
N GLY A 130 -12.14 -0.36 -25.55
CA GLY A 130 -11.94 -0.23 -26.98
C GLY A 130 -12.93 -1.01 -27.86
N VAL A 131 -12.47 -1.29 -29.07
CA VAL A 131 -13.23 -2.01 -30.10
C VAL A 131 -13.30 -3.52 -29.79
N LEU A 132 -14.52 -4.03 -29.52
CA LEU A 132 -14.81 -5.42 -29.13
C LEU A 132 -15.10 -6.36 -30.30
N CME A 133 -14.73 -7.65 -30.19
CA CME A 133 -14.92 -8.67 -31.27
CB CME A 133 -13.66 -8.79 -32.13
SG CME A 133 -13.34 -7.15 -32.86
SD CME A 133 -14.68 -6.97 -34.46
CE CME A 133 -16.39 -6.55 -33.81
CZ CME A 133 -17.46 -7.69 -33.97
OH CME A 133 -18.63 -7.44 -33.17
C CME A 133 -15.27 -10.09 -30.93
O CME A 133 -15.53 -10.42 -29.77
N GLU A 134 -15.28 -10.93 -31.98
CA GLU A 134 -15.55 -12.38 -31.90
C GLU A 134 -14.33 -13.01 -31.21
N HIS A 135 -13.34 -12.17 -30.91
CA HIS A 135 -12.12 -12.60 -30.24
C HIS A 135 -11.89 -11.82 -28.92
N GLY A 136 -12.46 -10.62 -28.81
CA GLY A 136 -12.30 -9.79 -27.60
C GLY A 136 -11.98 -8.35 -28.01
N VAL A 137 -11.51 -7.50 -27.09
CA VAL A 137 -11.16 -6.10 -27.44
C VAL A 137 -10.04 -6.07 -28.52
N ASP A 138 -10.35 -5.64 -29.74
CA ASP A 138 -9.35 -5.66 -30.80
C ASP A 138 -8.33 -4.55 -30.55
N ASN A 139 -7.08 -4.96 -30.36
CA ASN A 139 -6.03 -4.00 -30.11
C ASN A 139 -5.83 -2.87 -31.17
N ASP A 140 -5.60 -3.24 -32.46
CA ASP A 140 -5.28 -2.19 -33.43
C ASP A 140 -6.45 -1.30 -33.87
N ALA A 141 -7.67 -1.83 -33.75
CA ALA A 141 -8.88 -1.07 -34.08
C ALA A 141 -9.01 0.02 -33.00
N THR A 142 -8.61 -0.33 -31.79
CA THR A 142 -8.66 0.61 -30.68
C THR A 142 -7.59 1.69 -30.86
N LEU A 143 -6.37 1.35 -31.29
CA LEU A 143 -5.31 2.36 -31.51
C LEU A 143 -5.71 3.45 -32.52
N GLU A 144 -6.40 3.07 -33.59
CA GLU A 144 -6.83 4.05 -34.59
C GLU A 144 -7.78 5.07 -33.96
N ASN A 145 -8.64 4.57 -33.07
CA ASN A 145 -9.59 5.41 -32.39
C ASN A 145 -8.92 6.21 -31.25
N LEU A 146 -7.93 5.62 -30.57
CA LEU A 146 -7.24 6.36 -29.49
C LEU A 146 -6.56 7.59 -30.15
N GLY A 147 -6.05 7.41 -31.37
CA GLY A 147 -5.41 8.50 -32.09
C GLY A 147 -6.41 9.59 -32.46
N LYS A 148 -7.53 9.15 -33.02
CA LYS A 148 -8.61 10.05 -33.42
C LYS A 148 -8.98 10.90 -32.21
N GLN A 149 -9.11 10.26 -31.03
CA GLN A 149 -9.47 11.00 -29.80
C GLN A 149 -8.42 12.04 -29.39
N ALA A 150 -7.18 11.55 -29.34
CA ALA A 150 -6.03 12.34 -28.94
C ALA A 150 -6.06 13.65 -29.67
N VAL A 151 -6.19 13.59 -31.00
CA VAL A 151 -6.17 14.84 -31.78
C VAL A 151 -7.30 15.88 -31.41
N VAL A 152 -8.51 15.41 -31.11
CA VAL A 152 -9.55 16.35 -30.75
C VAL A 152 -9.29 16.88 -29.32
N ALA A 153 -8.69 16.05 -28.45
CA ALA A 153 -8.41 16.54 -27.06
C ALA A 153 -7.31 17.58 -27.15
N ALA A 154 -6.28 17.28 -27.92
CA ALA A 154 -5.15 18.19 -28.13
C ALA A 154 -5.73 19.49 -28.67
N ALA A 155 -6.48 19.34 -29.76
CA ALA A 155 -7.16 20.43 -30.46
C ALA A 155 -8.04 21.29 -29.52
N ALA A 156 -8.66 20.64 -28.52
CA ALA A 156 -9.49 21.32 -27.52
C ALA A 156 -8.75 21.87 -26.26
N GLY A 157 -7.41 21.87 -26.30
CA GLY A 157 -6.58 22.36 -25.18
C GLY A 157 -5.90 21.46 -24.11
N ALA A 158 -5.96 20.14 -24.18
CA ALA A 158 -5.28 19.35 -23.15
C ALA A 158 -3.78 19.41 -23.35
N ASP A 159 -3.08 19.56 -22.24
CA ASP A 159 -1.63 19.65 -22.23
C ASP A 159 -1.09 18.22 -22.32
N PHE A 160 -1.87 17.27 -21.82
CA PHE A 160 -1.50 15.84 -21.86
C PHE A 160 -2.62 14.91 -22.36
N ILE A 161 -2.23 13.98 -23.23
CA ILE A 161 -3.10 12.91 -23.71
C ILE A 161 -2.62 11.69 -22.87
N ALA A 162 -3.48 11.21 -21.98
CA ALA A 162 -3.15 10.10 -21.12
C ALA A 162 -3.81 8.78 -21.54
N PRO A 163 -3.19 8.03 -22.48
CA PRO A 163 -3.78 6.75 -22.93
C PRO A 163 -4.04 5.78 -21.76
N SER A 164 -5.32 5.52 -21.53
CA SER A 164 -5.74 4.70 -20.41
C SER A 164 -6.26 3.36 -20.80
N ALA A 165 -6.06 2.98 -22.06
CA ALA A 165 -6.60 1.75 -22.62
C ALA A 165 -5.82 0.48 -22.40
N ALA A 166 -4.50 0.59 -22.17
CA ALA A 166 -3.60 -0.56 -21.98
C ALA A 166 -3.60 -1.37 -23.28
N MET A 167 -3.59 -0.67 -24.41
CA MET A 167 -3.51 -1.32 -25.71
C MET A 167 -2.00 -1.28 -26.12
N ASP A 168 -1.42 -2.38 -26.59
CA ASP A 168 0.00 -2.36 -27.03
C ASP A 168 0.16 -1.32 -28.12
N GLY A 169 1.25 -0.55 -28.07
CA GLY A 169 1.51 0.46 -29.11
C GLY A 169 0.63 1.71 -29.09
N GLN A 170 -0.11 1.89 -28.00
CA GLN A 170 -0.98 3.04 -27.86
C GLN A 170 -0.21 4.38 -27.86
N VAL A 171 0.97 4.42 -27.21
CA VAL A 171 1.78 5.65 -27.12
C VAL A 171 2.32 6.06 -28.49
N GLN A 172 2.78 5.07 -29.27
CA GLN A 172 3.32 5.38 -30.59
C GLN A 172 2.17 5.78 -31.49
N ALA A 173 1.07 5.06 -31.33
CA ALA A 173 -0.12 5.36 -32.08
C ALA A 173 -0.47 6.85 -31.88
N ILE A 174 -0.63 7.23 -30.63
CA ILE A 174 -0.97 8.58 -30.26
C ILE A 174 0.10 9.62 -30.63
N ARG A 175 1.38 9.24 -30.62
CA ARG A 175 2.42 10.22 -30.97
C ARG A 175 2.28 10.71 -32.42
N GLN A 176 2.16 9.74 -33.34
CA GLN A 176 2.00 10.00 -34.77
C GLN A 176 0.74 10.77 -35.15
N ALA A 177 -0.39 10.34 -34.63
CA ALA A 177 -1.65 11.03 -34.89
C ALA A 177 -1.55 12.47 -34.41
N LEU A 178 -0.94 12.69 -33.25
CA LEU A 178 -0.78 14.05 -32.75
C LEU A 178 0.17 14.85 -33.65
N ASP A 179 1.29 14.25 -34.06
CA ASP A 179 2.27 14.96 -34.90
C ASP A 179 1.65 15.36 -36.24
N ALA A 180 1.20 14.34 -36.98
CA ALA A 180 0.60 14.47 -38.31
C ALA A 180 -0.39 15.62 -38.39
N ALA A 181 -1.20 15.77 -37.35
CA ALA A 181 -2.18 16.83 -37.26
C ALA A 181 -1.63 18.18 -36.74
N GLY A 182 -0.30 18.29 -36.60
CA GLY A 182 0.32 19.53 -36.11
C GLY A 182 0.37 19.76 -34.60
N PHE A 183 0.37 18.67 -33.84
CA PHE A 183 0.37 18.69 -32.38
C PHE A 183 1.60 18.03 -31.80
N LYS A 184 2.72 18.46 -32.35
CA LYS A 184 4.05 18.01 -32.00
C LYS A 184 4.42 18.30 -30.52
N ASP A 185 3.85 19.37 -29.96
CA ASP A 185 4.11 19.79 -28.55
C ASP A 185 3.16 19.27 -27.50
N THR A 186 2.17 18.49 -27.92
CA THR A 186 1.22 17.96 -26.97
C THR A 186 1.93 16.70 -26.47
N ALA A 187 1.98 16.61 -25.15
CA ALA A 187 2.63 15.53 -24.41
C ALA A 187 1.70 14.36 -24.11
N ILE A 188 2.35 13.23 -23.87
CA ILE A 188 1.66 12.01 -23.51
C ILE A 188 2.03 11.56 -22.06
N MET A 189 1.03 11.43 -21.20
CA MET A 189 1.16 10.95 -19.84
C MET A 189 0.75 9.49 -19.93
N SER A 190 1.68 8.62 -20.29
CA SER A 190 1.29 7.24 -20.45
C SER A 190 0.88 6.41 -19.20
N TYR A 191 -0.31 5.82 -19.21
CA TYR A 191 -0.64 4.86 -18.14
C TYR A 191 0.16 3.62 -18.62
N SER A 192 1.49 3.70 -18.50
CA SER A 192 2.39 2.64 -19.01
C SER A 192 2.29 1.25 -18.34
N THR A 193 2.21 1.24 -17.00
CA THR A 193 2.07 0.02 -16.17
C THR A 193 0.71 0.23 -15.46
N LYS A 194 -0.29 -0.47 -16.01
CA LYS A 194 -1.63 -0.32 -15.51
C LYS A 194 -2.04 -1.74 -15.32
N PHE A 195 -2.29 -2.10 -14.07
CA PHE A 195 -2.66 -3.47 -13.75
C PHE A 195 -4.17 -3.64 -13.78
N ALA A 196 -4.54 -4.91 -13.91
CA ALA A 196 -5.90 -5.43 -13.91
C ALA A 196 -6.07 -5.60 -12.36
N SER A 197 -6.39 -4.50 -11.73
CA SER A 197 -6.42 -4.47 -10.32
C SER A 197 -7.77 -4.45 -9.63
N SER A 198 -7.83 -5.13 -8.47
CA SER A 198 -9.03 -5.19 -7.64
C SER A 198 -9.23 -3.89 -6.81
N PHE A 199 -8.25 -2.99 -6.90
CA PHE A 199 -8.33 -1.72 -6.16
C PHE A 199 -9.14 -0.67 -6.91
N TYR A 200 -9.59 -1.00 -8.13
CA TYR A 200 -10.38 -0.06 -8.94
C TYR A 200 -11.85 -0.23 -8.56
N GLY A 201 -12.15 -1.05 -7.55
CA GLY A 201 -13.53 -1.26 -7.16
C GLY A 201 -14.54 -0.13 -7.43
N PRO A 202 -14.49 0.98 -6.66
CA PRO A 202 -15.32 2.19 -6.69
C PRO A 202 -15.34 2.99 -7.98
N PHE A 203 -14.47 2.62 -8.90
CA PHE A 203 -14.38 3.39 -10.11
C PHE A 203 -15.45 3.23 -11.18
N ARG A 204 -16.06 2.05 -11.35
CA ARG A 204 -17.10 1.91 -12.41
C ARG A 204 -18.42 2.58 -11.94
N GLU A 205 -18.48 2.83 -10.63
CA GLU A 205 -19.59 3.49 -9.96
C GLU A 205 -19.41 5.01 -10.07
N ALA A 206 -18.15 5.44 -9.97
CA ALA A 206 -17.73 6.84 -10.07
C ALA A 206 -17.76 7.44 -11.52
N ALA A 207 -17.32 6.66 -12.54
CA ALA A 207 -17.31 7.19 -13.91
C ALA A 207 -18.19 6.34 -14.85
N GLY A 208 -19.19 5.69 -14.26
CA GLY A 208 -20.13 4.86 -15.00
C GLY A 208 -19.71 3.97 -16.17
N SER A 209 -18.65 3.18 -16.05
CA SER A 209 -18.26 2.29 -17.14
C SER A 209 -19.31 1.18 -17.09
N ALA A 210 -19.83 0.82 -18.28
CA ALA A 210 -20.83 -0.22 -18.32
C ALA A 210 -20.32 -1.67 -18.51
N LEU A 211 -19.08 -1.97 -18.10
CA LEU A 211 -18.55 -3.33 -18.22
C LEU A 211 -18.91 -4.22 -17.00
N LYS A 212 -19.45 -5.40 -17.29
CA LYS A 212 -19.80 -6.41 -16.29
C LYS A 212 -18.55 -7.31 -16.05
N GLY A 213 -17.87 -7.73 -17.13
CA GLY A 213 -16.67 -8.56 -17.02
C GLY A 213 -15.33 -7.90 -16.62
N ASP A 214 -14.19 -8.57 -16.86
CA ASP A 214 -12.89 -7.97 -16.51
C ASP A 214 -11.99 -7.59 -17.70
N ARG A 215 -10.92 -6.84 -17.39
CA ARG A 215 -9.96 -6.35 -18.39
C ARG A 215 -8.61 -7.08 -18.41
N LYS A 216 -8.62 -8.38 -18.05
CA LYS A 216 -7.38 -9.15 -17.95
C LYS A 216 -6.74 -9.69 -19.24
N SER A 217 -7.27 -9.27 -20.38
CA SER A 217 -6.66 -9.67 -21.63
C SER A 217 -5.82 -8.47 -22.14
N TYR A 218 -5.90 -7.33 -21.41
CA TYR A 218 -5.12 -6.13 -21.75
C TYR A 218 -4.45 -5.43 -20.56
N GLN A 219 -5.14 -5.28 -19.43
CA GLN A 219 -4.50 -4.68 -18.24
C GLN A 219 -3.66 -5.84 -17.64
N MET A 220 -2.44 -5.57 -17.18
CA MET A 220 -1.58 -6.65 -16.75
C MET A 220 -1.71 -7.21 -15.37
N ASN A 221 -1.26 -8.45 -15.26
CA ASN A 221 -1.29 -9.24 -14.03
C ASN A 221 -0.57 -8.53 -12.88
N PRO A 222 -1.29 -8.25 -11.75
CA PRO A 222 -0.71 -7.58 -10.58
C PRO A 222 0.63 -8.16 -10.10
N MET A 223 0.80 -9.48 -10.23
CA MET A 223 1.96 -10.25 -9.82
C MET A 223 3.22 -10.21 -10.67
N ASN A 224 3.12 -9.67 -11.88
CA ASN A 224 4.24 -9.63 -12.84
C ASN A 224 5.16 -8.37 -12.80
N ARG A 225 6.12 -8.41 -11.89
CA ARG A 225 7.06 -7.30 -11.72
C ARG A 225 7.97 -7.07 -12.92
N ARG A 226 8.40 -8.16 -13.56
CA ARG A 226 9.33 -7.97 -14.69
C ARG A 226 8.58 -7.40 -15.87
N GLU A 227 7.40 -7.94 -16.08
CA GLU A 227 6.58 -7.49 -17.17
C GLU A 227 6.13 -6.04 -16.96
N ALA A 228 5.94 -5.64 -15.70
CA ALA A 228 5.46 -4.27 -15.45
C ALA A 228 6.55 -3.25 -15.84
N ILE A 229 7.81 -3.61 -15.61
CA ILE A 229 8.91 -2.74 -15.95
C ILE A 229 9.01 -2.70 -17.49
N ARG A 230 8.83 -3.88 -18.08
CA ARG A 230 8.94 -4.00 -19.52
C ARG A 230 7.88 -3.15 -20.23
N GLU A 231 6.66 -3.13 -19.68
CA GLU A 231 5.53 -2.37 -20.19
C GLU A 231 5.89 -0.91 -20.26
N SER A 232 6.44 -0.44 -19.14
CA SER A 232 6.84 0.96 -19.08
C SER A 232 8.04 1.31 -19.98
N LEU A 233 9.01 0.42 -20.07
CA LEU A 233 10.14 0.75 -20.90
C LEU A 233 9.76 0.82 -22.39
N LEU A 234 8.77 0.02 -22.85
CA LEU A 234 8.25 0.09 -24.27
C LEU A 234 7.67 1.52 -24.55
N ASP A 235 6.85 2.06 -23.65
CA ASP A 235 6.29 3.43 -23.82
C ASP A 235 7.39 4.52 -23.81
N GLU A 236 8.55 4.21 -23.24
CA GLU A 236 9.63 5.19 -23.22
C GLU A 236 10.13 5.23 -24.66
N ALA A 237 10.36 4.02 -25.22
CA ALA A 237 10.81 3.87 -26.62
C ALA A 237 9.82 4.46 -27.62
N GLN A 238 8.54 4.46 -27.29
CA GLN A 238 7.54 5.05 -28.18
C GLN A 238 7.35 6.57 -28.01
N GLY A 239 8.17 7.19 -27.18
CA GLY A 239 8.09 8.63 -27.03
C GLY A 239 7.32 9.29 -25.91
N ALA A 240 6.83 8.50 -24.95
CA ALA A 240 6.03 9.06 -23.87
C ALA A 240 6.83 10.13 -23.17
N ASP A 241 6.16 11.23 -22.78
CA ASP A 241 6.81 12.33 -22.06
C ASP A 241 6.88 11.94 -20.58
N CYS A 242 5.93 11.12 -20.19
CA CYS A 242 5.86 10.66 -18.83
C CYS A 242 5.28 9.23 -18.70
N LEU A 243 5.84 8.44 -17.78
CA LEU A 243 5.40 7.05 -17.51
C LEU A 243 4.43 6.99 -16.28
N MET A 244 3.81 5.86 -15.99
CA MET A 244 2.95 5.87 -14.81
C MET A 244 2.72 4.47 -14.28
N VAL A 245 2.53 4.36 -12.98
CA VAL A 245 2.25 3.08 -12.35
C VAL A 245 0.85 3.27 -11.70
N LYS A 246 -0.14 2.43 -12.05
CA LYS A 246 -1.53 2.43 -11.50
C LYS A 246 -1.97 0.96 -11.37
N PRO A 247 -2.42 0.55 -10.15
CA PRO A 247 -2.47 1.45 -8.99
C PRO A 247 -1.04 1.78 -8.43
N ALA A 248 -0.98 2.69 -7.46
CA ALA A 248 0.27 3.09 -6.80
C ALA A 248 0.51 2.44 -5.42
N GLY A 249 -0.48 2.57 -4.54
CA GLY A 249 -0.35 2.06 -3.18
C GLY A 249 0.22 0.69 -2.97
N ALA A 250 -0.22 -0.34 -3.71
CA ALA A 250 0.33 -1.68 -3.44
C ALA A 250 1.40 -2.07 -4.45
N TYR A 251 1.94 -1.06 -5.09
CA TYR A 251 2.90 -1.25 -6.16
C TYR A 251 4.07 -0.28 -6.04
N LEU A 252 4.49 0.04 -4.80
CA LEU A 252 5.61 0.98 -4.60
C LEU A 252 6.96 0.33 -4.89
N ASP A 253 7.03 -1.00 -4.79
CA ASP A 253 8.24 -1.74 -5.18
C ASP A 253 8.38 -1.54 -6.71
N ILE A 254 7.27 -1.60 -7.44
CA ILE A 254 7.22 -1.39 -8.89
C ILE A 254 7.66 0.02 -9.32
N VAL A 255 7.18 1.03 -8.61
CA VAL A 255 7.54 2.46 -8.84
C VAL A 255 9.06 2.65 -8.59
N ARG A 256 9.57 2.06 -7.50
CA ARG A 256 10.99 2.14 -7.20
C ARG A 256 11.81 1.47 -8.32
N GLU A 257 11.46 0.21 -8.65
CA GLU A 257 12.20 -0.52 -9.67
C GLU A 257 12.31 0.27 -10.92
N LEU A 258 11.18 0.81 -11.35
CA LEU A 258 11.11 1.66 -12.53
C LEU A 258 11.91 2.98 -12.38
N ARG A 259 11.87 3.63 -11.22
CA ARG A 259 12.63 4.86 -11.06
C ARG A 259 14.15 4.61 -11.28
N GLU A 260 14.58 3.40 -11.11
CA GLU A 260 15.97 3.11 -11.28
C GLU A 260 16.27 2.65 -12.70
N ARG A 261 15.26 2.53 -13.55
CA ARG A 261 15.49 1.98 -14.88
C ARG A 261 15.22 2.97 -16.03
N THR A 262 14.84 4.20 -15.68
CA THR A 262 14.60 5.24 -16.67
C THR A 262 14.94 6.64 -16.06
N GLU A 263 15.16 7.66 -16.92
CA GLU A 263 15.42 9.09 -16.50
C GLU A 263 14.14 9.87 -16.68
N LEU A 264 13.10 9.19 -17.18
CA LEU A 264 11.83 9.88 -17.39
C LEU A 264 11.03 10.19 -16.13
N PRO A 265 10.17 11.21 -16.21
CA PRO A 265 9.39 11.45 -14.98
C PRO A 265 8.39 10.26 -14.80
N ILE A 266 8.05 9.95 -13.56
CA ILE A 266 7.13 8.86 -13.25
C ILE A 266 5.90 9.33 -12.40
N GLY A 267 4.71 9.07 -12.92
CA GLY A 267 3.49 9.36 -12.19
C GLY A 267 3.02 8.08 -11.50
N ALA A 268 2.27 8.23 -10.41
CA ALA A 268 1.73 7.08 -9.69
C ALA A 268 0.28 7.44 -9.39
N TYR A 269 -0.68 6.57 -9.68
CA TYR A 269 -2.09 6.88 -9.47
C TYR A 269 -2.63 6.21 -8.18
N GLN A 270 -3.03 7.01 -7.18
CA GLN A 270 -3.63 6.50 -5.92
C GLN A 270 -5.14 6.38 -6.27
N VAL A 271 -5.52 5.20 -6.73
CA VAL A 271 -6.84 4.85 -7.22
C VAL A 271 -8.03 4.94 -6.24
N SER A 272 -9.22 4.88 -6.81
CA SER A 272 -10.47 4.96 -6.06
C SER A 272 -10.56 3.99 -4.88
N GLY A 273 -10.10 2.77 -5.10
CA GLY A 273 -10.11 1.75 -4.07
C GLY A 273 -9.20 2.11 -2.90
N GLU A 274 -8.12 2.87 -3.14
CA GLU A 274 -7.20 3.30 -2.06
C GLU A 274 -7.82 4.40 -1.23
N TYR A 275 -8.42 5.36 -1.93
CA TYR A 275 -9.16 6.48 -1.34
C TYR A 275 -10.26 5.82 -0.49
N ALA A 276 -11.10 5.02 -1.12
CA ALA A 276 -12.17 4.30 -0.41
C ALA A 276 -11.70 3.59 0.90
N MET A 277 -10.57 2.89 0.85
CA MET A 277 -10.01 2.20 2.01
C MET A 277 -9.55 3.14 3.13
N ILE A 278 -9.13 4.33 2.75
CA ILE A 278 -8.70 5.31 3.71
C ILE A 278 -9.97 5.90 4.34
N LYS A 279 -10.82 6.43 3.47
CA LYS A 279 -12.08 7.04 3.89
C LYS A 279 -12.95 6.16 4.82
N PHE A 280 -13.29 4.93 4.41
CA PHE A 280 -14.10 4.03 5.26
C PHE A 280 -13.48 3.50 6.56
N ALA A 281 -12.17 3.61 6.71
CA ALA A 281 -11.56 3.12 7.92
C ALA A 281 -11.48 4.28 8.92
N ALA A 282 -11.44 5.50 8.40
CA ALA A 282 -11.37 6.66 9.26
C ALA A 282 -12.77 6.86 9.86
N LEU A 283 -13.81 6.54 9.08
CA LEU A 283 -15.19 6.69 9.54
C LEU A 283 -15.46 5.76 10.68
N ALA A 284 -14.99 4.52 10.56
CA ALA A 284 -15.18 3.54 11.61
C ALA A 284 -14.36 3.90 12.80
N GLY A 285 -13.56 4.96 12.64
CA GLY A 285 -12.66 5.41 13.68
C GLY A 285 -11.39 4.57 13.83
N ALA A 286 -11.09 3.69 12.88
CA ALA A 286 -9.92 2.82 12.95
C ALA A 286 -8.51 3.53 12.76
N ILE A 287 -8.50 4.63 11.98
CA ILE A 287 -7.29 5.38 11.68
C ILE A 287 -7.59 6.89 11.65
N ASP A 288 -6.52 7.68 11.72
CA ASP A 288 -6.60 9.13 11.58
C ASP A 288 -6.39 9.41 10.08
N GLU A 289 -7.42 9.91 9.41
CA GLU A 289 -7.32 10.18 7.98
C GLU A 289 -6.18 11.09 7.49
N GLU A 290 -6.06 12.28 8.04
CA GLU A 290 -4.98 13.19 7.64
C GLU A 290 -3.62 12.51 7.81
N LYS A 291 -3.45 11.77 8.90
CA LYS A 291 -2.17 11.08 9.15
C LYS A 291 -1.92 10.04 8.05
N VAL A 292 -2.84 9.09 7.91
CA VAL A 292 -2.75 8.06 6.88
C VAL A 292 -2.74 8.59 5.44
N VAL A 293 -3.30 9.78 5.21
CA VAL A 293 -3.30 10.34 3.87
C VAL A 293 -1.93 10.92 3.51
N LEU A 294 -1.32 11.65 4.46
CA LEU A 294 -0.02 12.23 4.22
C LEU A 294 1.06 11.12 4.19
N GLU A 295 0.94 10.14 5.04
CA GLU A 295 1.90 9.04 5.01
C GLU A 295 1.78 8.22 3.73
N SER A 296 0.55 8.11 3.23
CA SER A 296 0.24 7.38 2.00
C SER A 296 0.83 8.04 0.78
N LEU A 297 0.67 9.35 0.74
CA LEU A 297 1.18 10.12 -0.36
C LEU A 297 2.70 10.17 -0.26
N GLY A 298 3.20 10.35 0.95
CA GLY A 298 4.63 10.43 1.19
C GLY A 298 5.37 9.17 0.82
N SER A 299 4.77 8.01 1.10
CA SER A 299 5.35 6.72 0.74
C SER A 299 5.50 6.65 -0.82
N ILE A 300 4.52 7.19 -1.54
CA ILE A 300 4.52 7.17 -3.02
C ILE A 300 5.65 7.95 -3.62
N LYS A 301 5.89 9.08 -2.97
CA LYS A 301 6.94 10.00 -3.34
C LYS A 301 8.30 9.35 -2.96
N ARG A 302 8.32 8.66 -1.83
CA ARG A 302 9.54 8.05 -1.35
C ARG A 302 9.94 6.96 -2.32
N ALA A 303 8.96 6.19 -2.81
CA ALA A 303 9.23 5.08 -3.76
C ALA A 303 9.85 5.59 -5.09
N GLY A 304 9.73 6.89 -5.35
CA GLY A 304 10.27 7.43 -6.57
C GLY A 304 9.33 8.20 -7.48
N ALA A 305 8.07 8.42 -7.12
CA ALA A 305 7.21 9.12 -8.10
C ALA A 305 7.34 10.60 -8.12
N ASP A 306 7.25 11.17 -9.32
CA ASP A 306 7.36 12.62 -9.51
C ASP A 306 6.02 13.36 -9.36
N LEU A 307 4.93 12.72 -9.82
CA LEU A 307 3.56 13.26 -9.76
C LEU A 307 2.65 12.15 -9.24
N ILE A 308 1.70 12.53 -8.42
CA ILE A 308 0.74 11.60 -7.83
C ILE A 308 -0.72 12.03 -8.15
N PHE A 309 -1.53 11.12 -8.66
CA PHE A 309 -2.94 11.39 -8.93
C PHE A 309 -3.67 11.02 -7.60
N SER A 310 -4.34 11.96 -6.96
CA SER A 310 -4.99 11.64 -5.69
C SER A 310 -6.33 12.39 -5.66
N TYR A 311 -7.41 11.72 -5.18
CA TYR A 311 -8.73 12.36 -5.09
C TYR A 311 -8.76 13.27 -3.82
N PHE A 312 -7.78 13.12 -2.89
CA PHE A 312 -7.63 13.97 -1.64
C PHE A 312 -6.93 15.34 -1.89
N ALA A 313 -6.34 15.51 -3.07
CA ALA A 313 -5.60 16.71 -3.47
C ALA A 313 -6.25 18.07 -3.18
N LEU A 314 -7.53 18.21 -3.53
CA LEU A 314 -8.24 19.46 -3.34
C LEU A 314 -8.47 19.83 -1.87
N ASP A 315 -8.94 18.83 -1.12
CA ASP A 315 -9.20 18.99 0.29
C ASP A 315 -7.92 19.18 1.10
N LEU A 316 -6.81 18.60 0.66
CA LEU A 316 -5.55 18.77 1.37
C LEU A 316 -5.12 20.18 1.03
N ALA A 317 -5.43 20.59 -0.19
CA ALA A 317 -5.07 21.90 -0.70
C ALA A 317 -5.76 22.99 0.07
N GLU A 318 -7.09 22.91 0.07
CA GLU A 318 -7.95 23.89 0.73
C GLU A 318 -7.79 23.98 2.24
N LYS A 319 -7.74 22.83 2.92
CA LYS A 319 -7.57 22.83 4.39
C LYS A 319 -6.12 23.25 4.63
N LYS A 320 -5.48 23.68 3.54
CA LYS A 320 -4.09 24.14 3.50
C LYS A 320 -3.10 23.22 4.29
N ILE A 321 -3.25 21.91 4.13
CA ILE A 321 -2.38 20.89 4.77
C ILE A 321 -1.09 20.73 3.93
N LEU A 322 -1.18 20.91 2.60
CA LEU A 322 0.00 20.85 1.73
C LEU A 322 0.11 22.21 1.06
N ARG A 323 1.29 22.82 1.12
CA ARG A 323 1.47 24.09 0.47
C ARG A 323 2.24 23.81 -0.85
N THR B 1 -1.21 -1.92 -37.80
CA THR B 1 -0.02 -1.48 -36.98
C THR B 1 1.03 -2.63 -36.95
N ASP B 2 2.31 -2.27 -37.10
CA ASP B 2 3.47 -3.23 -37.05
C ASP B 2 4.27 -3.29 -35.70
N LEU B 3 3.59 -3.75 -34.67
CA LEU B 3 4.21 -3.87 -33.38
C LEU B 3 4.77 -5.27 -33.44
N ILE B 4 6.09 -5.40 -33.23
CA ILE B 4 6.75 -6.74 -33.18
C ILE B 4 6.45 -7.30 -31.76
N GLN B 5 6.60 -6.39 -30.78
CA GLN B 5 6.36 -6.59 -29.35
C GLN B 5 4.90 -6.33 -29.09
N ARG B 6 4.28 -7.30 -28.41
CA ARG B 6 2.86 -7.25 -28.06
C ARG B 6 2.63 -8.01 -26.76
N PRO B 7 2.87 -7.36 -25.60
CA PRO B 7 2.69 -7.91 -24.25
C PRO B 7 1.36 -8.75 -24.07
N ARG B 8 0.30 -8.27 -24.74
CA ARG B 8 -1.01 -8.87 -24.67
C ARG B 8 -1.11 -10.33 -25.12
N ARG B 9 -0.18 -10.82 -25.98
CA ARG B 9 -0.26 -12.23 -26.43
C ARG B 9 -0.30 -13.20 -25.21
N LEU B 10 0.48 -12.94 -24.16
CA LEU B 10 0.47 -13.82 -23.02
C LEU B 10 -0.65 -13.56 -21.98
N ARG B 11 -1.57 -12.62 -22.25
CA ARG B 11 -2.72 -12.26 -21.39
C ARG B 11 -4.06 -12.75 -21.98
N LYS B 12 -4.00 -13.31 -23.19
CA LYS B 12 -5.19 -13.75 -23.92
C LYS B 12 -6.18 -14.66 -23.13
N SER B 13 -5.66 -15.56 -22.29
CA SER B 13 -6.50 -16.46 -21.49
C SER B 13 -6.06 -16.75 -20.07
N PRO B 14 -7.00 -17.27 -19.25
CA PRO B 14 -6.64 -17.59 -17.88
C PRO B 14 -5.45 -18.58 -17.82
N ALA B 15 -5.45 -19.58 -18.71
CA ALA B 15 -4.38 -20.57 -18.78
C ALA B 15 -3.00 -19.93 -19.06
N LEU B 16 -2.96 -18.96 -19.97
CA LEU B 16 -1.71 -18.27 -20.27
C LEU B 16 -1.26 -17.34 -19.15
N ARG B 17 -2.20 -16.65 -18.50
CA ARG B 17 -1.84 -15.75 -17.42
C ARG B 17 -1.24 -16.57 -16.26
N ALA B 18 -1.76 -17.78 -16.05
CA ALA B 18 -1.26 -18.68 -15.01
C ALA B 18 0.13 -19.28 -15.37
N MET B 19 0.33 -19.60 -16.64
CA MET B 19 1.61 -20.13 -17.10
C MET B 19 2.71 -19.16 -16.83
N PHE B 20 2.41 -17.91 -17.16
CA PHE B 20 3.32 -16.76 -17.02
C PHE B 20 3.34 -15.88 -15.73
N GLU B 21 2.46 -16.16 -14.78
CA GLU B 21 2.40 -15.42 -13.52
C GLU B 21 3.72 -15.53 -12.80
N GLU B 22 4.33 -14.37 -12.50
CA GLU B 22 5.67 -14.32 -11.91
C GLU B 22 5.82 -14.60 -10.42
N THR B 23 4.79 -14.28 -9.67
CA THR B 23 4.76 -14.39 -8.22
C THR B 23 3.52 -15.17 -7.79
N THR B 24 3.71 -16.20 -6.97
CA THR B 24 2.60 -16.98 -6.47
C THR B 24 2.65 -17.00 -4.91
N LEU B 25 1.50 -16.71 -4.29
CA LEU B 25 1.37 -16.66 -2.83
C LEU B 25 0.85 -18.00 -2.25
N SER B 26 1.40 -18.43 -1.12
CA SER B 26 0.90 -19.65 -0.51
C SER B 26 0.70 -19.48 0.99
N LEU B 27 0.20 -20.52 1.66
CA LEU B 27 -0.03 -20.40 3.09
C LEU B 27 1.32 -20.53 3.82
N ASN B 28 2.27 -21.22 3.20
CA ASN B 28 3.64 -21.38 3.75
C ASN B 28 4.31 -19.99 3.98
N ASP B 29 3.78 -18.97 3.29
CA ASP B 29 4.24 -17.59 3.34
C ASP B 29 3.67 -16.78 4.50
N LEU B 30 2.56 -17.24 5.05
CA LEU B 30 1.87 -16.57 6.13
C LEU B 30 2.20 -16.94 7.62
N VAL B 31 2.42 -15.92 8.43
CA VAL B 31 2.62 -16.05 9.87
C VAL B 31 1.35 -15.39 10.46
N LEU B 32 0.68 -16.07 11.40
CA LEU B 32 -0.51 -15.48 12.01
C LEU B 32 -0.24 -14.81 13.38
N PRO B 33 -0.46 -13.47 13.49
CA PRO B 33 -0.22 -12.84 14.78
C PRO B 33 -1.46 -13.13 15.66
N ILE B 34 -1.23 -13.56 16.90
CA ILE B 34 -2.33 -13.85 17.85
C ILE B 34 -2.24 -13.00 19.14
N PHE B 35 -3.38 -12.47 19.58
CA PHE B 35 -3.50 -11.67 20.82
C PHE B 35 -4.11 -12.51 21.93
N VAL B 36 -3.37 -12.78 22.99
CA VAL B 36 -3.88 -13.57 24.14
C VAL B 36 -4.00 -12.67 25.37
N GLU B 37 -5.19 -12.50 25.95
CA GLU B 37 -5.31 -11.68 27.19
C GLU B 37 -5.35 -12.62 28.42
N GLU B 38 -4.41 -12.42 29.36
CA GLU B 38 -4.34 -13.26 30.56
C GLU B 38 -5.50 -12.86 31.46
N GLU B 39 -5.72 -13.67 32.50
CA GLU B 39 -6.78 -13.45 33.49
C GLU B 39 -8.21 -13.01 32.95
N ILE B 40 -8.67 -13.48 31.77
CA ILE B 40 -10.04 -13.12 31.27
C ILE B 40 -10.84 -14.37 30.91
N ASP B 41 -12.16 -14.25 30.79
CA ASP B 41 -12.96 -15.44 30.54
C ASP B 41 -13.43 -15.74 29.16
N ASP B 42 -14.01 -14.77 28.46
CA ASP B 42 -14.41 -15.04 27.07
C ASP B 42 -13.62 -14.19 26.03
N TYR B 43 -13.67 -14.63 24.76
CA TYR B 43 -13.00 -13.92 23.70
C TYR B 43 -13.55 -12.49 23.65
N LYS B 44 -12.64 -11.53 23.50
CA LYS B 44 -13.00 -10.12 23.45
C LYS B 44 -12.50 -9.62 22.09
N ALA B 45 -13.47 -9.37 21.23
CA ALA B 45 -13.17 -8.91 19.90
C ALA B 45 -12.73 -7.46 19.91
N VAL B 46 -11.84 -7.15 18.97
CA VAL B 46 -11.27 -5.84 18.76
C VAL B 46 -12.21 -5.05 17.83
N GLU B 47 -12.47 -3.80 18.19
CA GLU B 47 -13.40 -2.92 17.45
C GLU B 47 -12.94 -2.42 16.09
N ALA B 48 -11.70 -1.93 16.05
CA ALA B 48 -11.13 -1.40 14.83
C ALA B 48 -10.57 -2.50 13.94
N MET B 49 -10.53 -3.72 14.48
CA MET B 49 -10.08 -4.83 13.66
C MET B 49 -11.15 -5.91 13.55
N PRO B 50 -12.18 -5.59 12.76
CA PRO B 50 -13.33 -6.44 12.49
C PRO B 50 -13.04 -7.89 12.16
N GLY B 51 -13.32 -8.76 13.15
CA GLY B 51 -13.19 -10.22 13.02
C GLY B 51 -12.01 -10.73 13.79
N VAL B 52 -11.31 -9.80 14.42
CA VAL B 52 -10.15 -10.16 15.19
C VAL B 52 -10.49 -10.24 16.67
N MET B 53 -10.03 -11.29 17.33
CA MET B 53 -10.34 -11.37 18.74
C MET B 53 -9.23 -11.61 19.69
N ARG B 54 -9.38 -11.00 20.87
CA ARG B 54 -8.45 -11.20 21.95
C ARG B 54 -8.82 -12.57 22.59
N ILE B 55 -7.90 -13.50 22.47
CA ILE B 55 -8.03 -14.88 22.96
C ILE B 55 -7.85 -14.96 24.49
N PRO B 56 -8.78 -15.64 25.22
CA PRO B 56 -8.54 -15.70 26.67
C PRO B 56 -7.52 -16.83 26.93
N GLU B 57 -6.37 -16.50 27.54
CA GLU B 57 -5.33 -17.50 27.81
C GLU B 57 -5.90 -18.88 28.09
N LYS B 58 -7.13 -18.93 28.59
CA LYS B 58 -7.82 -20.17 28.93
C LYS B 58 -8.36 -20.91 27.69
N HIS B 59 -8.06 -20.43 26.50
CA HIS B 59 -8.58 -21.11 25.34
C HIS B 59 -7.46 -21.12 24.33
N LEU B 60 -6.36 -20.49 24.70
CA LEU B 60 -5.22 -20.41 23.83
C LEU B 60 -4.79 -21.79 23.29
N ALA B 61 -4.85 -22.81 24.13
CA ALA B 61 -4.45 -24.13 23.65
C ALA B 61 -5.51 -24.77 22.74
N ARG B 62 -6.75 -24.33 22.88
CA ARG B 62 -7.87 -24.81 22.06
C ARG B 62 -7.57 -24.14 20.71
N GLU B 63 -7.27 -22.84 20.78
CA GLU B 63 -6.95 -22.04 19.59
C GLU B 63 -5.65 -22.44 18.85
N ILE B 64 -4.48 -22.45 19.51
CA ILE B 64 -3.27 -22.86 18.80
C ILE B 64 -3.52 -24.14 18.00
N GLU B 65 -4.40 -25.01 18.51
CA GLU B 65 -4.73 -26.29 17.86
C GLU B 65 -5.57 -26.07 16.62
N ARG B 66 -6.51 -25.12 16.70
CA ARG B 66 -7.38 -24.75 15.58
C ARG B 66 -6.51 -24.14 14.46
N ILE B 67 -5.68 -23.12 14.77
CA ILE B 67 -4.75 -22.49 13.81
C ILE B 67 -3.93 -23.63 13.17
N ALA B 68 -3.31 -24.46 14.02
CA ALA B 68 -2.54 -25.62 13.56
C ALA B 68 -3.32 -26.53 12.55
N ASN B 69 -4.61 -26.77 12.79
CA ASN B 69 -5.44 -27.60 11.89
C ASN B 69 -5.69 -26.93 10.57
N ALA B 70 -5.73 -25.59 10.62
CA ALA B 70 -5.94 -24.74 9.46
C ALA B 70 -4.88 -24.92 8.36
N GLY B 71 -3.65 -25.27 8.76
CA GLY B 71 -2.55 -25.45 7.81
C GLY B 71 -1.41 -24.49 8.13
N ILE B 72 -1.70 -23.56 9.04
CA ILE B 72 -0.79 -22.51 9.50
C ILE B 72 0.45 -23.03 10.21
N ARG B 73 1.59 -22.52 9.80
CA ARG B 73 2.85 -22.96 10.35
C ARG B 73 3.42 -22.14 11.50
N SER B 74 3.08 -20.85 11.51
CA SER B 74 3.65 -19.94 12.50
C SER B 74 2.68 -18.89 13.02
N VAL B 75 2.96 -18.44 14.24
CA VAL B 75 2.16 -17.42 14.91
C VAL B 75 3.15 -16.44 15.58
N MET B 76 2.69 -15.21 15.80
CA MET B 76 3.49 -14.18 16.47
C MET B 76 2.62 -13.91 17.68
N THR B 77 3.21 -13.97 18.88
CA THR B 77 2.47 -13.75 20.12
C THR B 77 2.61 -12.35 20.71
N PHE B 78 1.43 -11.77 20.96
CA PHE B 78 1.24 -10.44 21.55
C PHE B 78 0.35 -10.63 22.79
N GLY B 79 0.83 -10.18 23.96
CA GLY B 79 0.04 -10.36 25.16
C GLY B 79 -0.63 -9.13 25.74
N ILE B 80 -1.86 -9.27 26.26
CA ILE B 80 -2.57 -8.16 26.91
C ILE B 80 -2.49 -8.44 28.43
N SER B 81 -1.58 -7.72 29.10
CA SER B 81 -1.29 -7.90 30.53
C SER B 81 -2.27 -7.26 31.48
N HIS B 82 -2.30 -7.83 32.68
CA HIS B 82 -3.12 -7.30 33.76
C HIS B 82 -2.13 -6.90 34.86
N HIS B 83 -0.86 -7.26 34.70
CA HIS B 83 0.13 -6.90 35.69
C HIS B 83 1.20 -5.94 35.12
N THR B 84 0.77 -4.70 34.83
CA THR B 84 1.65 -3.65 34.26
C THR B 84 2.35 -2.60 35.17
N ASP B 85 3.66 -2.74 35.33
CA ASP B 85 4.44 -1.82 36.16
C ASP B 85 5.25 -0.78 35.34
N GLU B 86 6.21 -0.08 35.97
CA GLU B 86 6.99 0.95 35.26
C GLU B 86 8.08 0.44 34.32
N THR B 87 8.52 -0.79 34.49
CA THR B 87 9.56 -1.27 33.64
C THR B 87 8.99 -2.37 32.77
N GLY B 88 7.79 -2.82 33.14
CA GLY B 88 7.12 -3.86 32.40
C GLY B 88 7.72 -5.23 32.63
N SER B 89 8.12 -5.49 33.87
CA SER B 89 8.75 -6.77 34.24
C SER B 89 7.92 -8.05 34.24
N ASP B 90 6.65 -7.97 33.85
CA ASP B 90 5.84 -9.19 33.78
C ASP B 90 6.42 -9.84 32.52
N ALA B 91 7.02 -9.01 31.66
CA ALA B 91 7.62 -9.46 30.40
C ALA B 91 8.80 -10.37 30.68
N TRP B 92 9.63 -10.04 31.67
CA TRP B 92 10.78 -10.90 31.96
C TRP B 92 10.73 -11.84 33.15
N ARG B 93 9.50 -12.18 33.56
CA ARG B 93 9.28 -13.11 34.67
C ARG B 93 9.41 -14.52 34.14
N GLU B 94 10.01 -15.41 34.94
CA GLU B 94 10.15 -16.81 34.53
C GLU B 94 8.77 -17.33 34.13
N ASP B 95 7.75 -16.76 34.74
CA ASP B 95 6.38 -17.18 34.46
C ASP B 95 5.44 -16.10 33.99
N GLY B 96 5.99 -14.98 33.56
CA GLY B 96 5.18 -13.88 33.04
C GLY B 96 4.30 -14.35 31.90
N LEU B 97 3.43 -13.45 31.39
CA LEU B 97 2.50 -13.78 30.30
C LEU B 97 3.27 -14.21 29.06
N VAL B 98 4.30 -13.45 28.74
CA VAL B 98 5.15 -13.73 27.59
C VAL B 98 5.52 -15.20 27.63
N ALA B 99 6.21 -15.65 28.68
CA ALA B 99 6.65 -17.07 28.82
C ALA B 99 5.54 -18.12 28.78
N ARG B 100 4.35 -17.74 29.22
CA ARG B 100 3.21 -18.64 29.23
C ARG B 100 2.55 -18.80 27.85
N MET B 101 2.57 -17.73 27.05
CA MET B 101 1.97 -17.84 25.73
C MET B 101 2.82 -18.82 24.90
N SER B 102 4.15 -18.76 25.05
CA SER B 102 5.05 -19.64 24.31
C SER B 102 4.93 -21.12 24.74
N ARG B 103 5.03 -21.36 26.04
CA ARG B 103 4.92 -22.70 26.61
C ARG B 103 3.55 -23.35 26.24
N ILE B 104 2.43 -22.60 26.32
CA ILE B 104 1.11 -23.14 25.96
C ILE B 104 1.06 -23.53 24.50
N CYS B 105 1.52 -22.60 23.68
CA CYS B 105 1.55 -22.80 22.27
C CYS B 105 2.42 -23.99 21.89
N LYS B 106 3.68 -23.94 22.35
CA LYS B 106 4.70 -24.99 22.15
C LYS B 106 4.32 -26.33 22.79
N GLN B 107 3.60 -26.27 23.90
CA GLN B 107 3.16 -27.47 24.57
C GLN B 107 1.98 -28.07 23.82
N THR B 108 0.97 -27.26 23.49
CA THR B 108 -0.16 -27.80 22.74
C THR B 108 0.34 -28.27 21.35
N VAL B 109 0.96 -27.40 20.56
CA VAL B 109 1.45 -27.83 19.25
C VAL B 109 2.96 -27.72 19.10
N PRO B 110 3.66 -28.82 19.36
CA PRO B 110 5.11 -28.81 19.26
C PRO B 110 5.70 -28.60 17.82
N GLU B 111 4.86 -28.70 16.80
CA GLU B 111 5.34 -28.49 15.43
C GLU B 111 5.31 -27.02 15.06
N MET B 112 4.42 -26.31 15.74
CA MET B 112 4.22 -24.86 15.57
C MET B 112 5.51 -24.08 15.80
N ILE B 113 5.77 -23.09 14.94
CA ILE B 113 6.94 -22.27 15.17
C ILE B 113 6.33 -21.10 15.89
N VAL B 114 6.74 -20.85 17.13
CA VAL B 114 6.18 -19.73 17.85
C VAL B 114 7.20 -18.62 17.89
N MET B 115 6.74 -17.47 17.38
CA MET B 115 7.54 -16.26 17.34
C MET B 115 7.03 -15.44 18.48
N SER B 116 7.94 -14.98 19.33
CA SER B 116 7.58 -14.20 20.50
C SER B 116 7.79 -12.71 20.29
N ASP B 117 6.72 -11.92 20.33
CA ASP B 117 6.91 -10.46 20.21
C ASP B 117 7.62 -9.91 21.44
N THR B 118 8.87 -9.49 21.24
CA THR B 118 9.72 -9.04 22.33
C THR B 118 9.84 -7.55 22.59
N CYS B 119 8.99 -7.07 23.50
CA CYS B 119 8.94 -5.67 23.88
C CYS B 119 8.31 -5.43 25.26
N PHE B 120 8.06 -4.15 25.56
CA PHE B 120 7.51 -3.73 26.84
C PHE B 120 6.30 -2.85 26.79
N CYS B 121 5.84 -2.48 25.58
CA CYS B 121 4.72 -1.53 25.42
C CYS B 121 3.38 -2.00 25.94
N GLU B 122 3.20 -3.30 26.00
CA GLU B 122 1.97 -3.84 26.49
C GLU B 122 2.04 -4.15 27.98
N TYR B 123 3.25 -4.11 28.55
CA TYR B 123 3.55 -4.42 29.97
C TYR B 123 3.97 -3.28 30.88
N THR B 124 4.22 -2.10 30.33
CA THR B 124 4.62 -1.00 31.19
C THR B 124 3.36 -0.21 31.53
N SER B 125 3.41 0.52 32.66
CA SER B 125 2.28 1.33 33.11
C SER B 125 2.01 2.52 32.16
N HIS B 126 3.09 3.16 31.69
CA HIS B 126 3.09 4.30 30.75
C HIS B 126 2.97 4.00 29.22
N GLY B 127 3.00 2.72 28.82
CA GLY B 127 2.85 2.36 27.42
C GLY B 127 4.02 2.43 26.44
N HIS B 128 5.15 3.02 26.87
CA HIS B 128 6.35 3.09 26.04
C HIS B 128 7.06 1.74 25.89
N CYS B 129 7.86 1.60 24.82
CA CYS B 129 8.57 0.34 24.54
C CYS B 129 9.84 0.15 25.38
N GLY B 130 9.72 0.37 26.69
CA GLY B 130 10.87 0.21 27.56
C GLY B 130 10.86 1.12 28.77
N VAL B 131 12.05 1.38 29.30
CA VAL B 131 12.33 2.21 30.47
C VAL B 131 12.22 3.69 30.16
N LEU B 132 11.37 4.41 30.90
CA LEU B 132 11.23 5.85 30.71
C LEU B 132 12.15 6.61 31.69
N CME B 133 12.67 7.77 31.23
CA CME B 133 13.54 8.67 32.02
CB CME B 133 15.03 8.41 31.82
SG CME B 133 15.58 6.70 32.24
SD CME B 133 16.54 6.66 34.09
CE CME B 133 15.20 6.32 35.35
CZ CME B 133 15.09 7.30 36.54
OH CME B 133 14.82 8.64 36.08
C CME B 133 13.25 10.16 31.79
O CME B 133 12.47 10.51 30.89
N GLU B 134 13.89 11.05 32.59
CA GLU B 134 13.67 12.52 32.51
C GLU B 134 14.00 13.09 31.14
N HIS B 135 14.33 12.19 30.22
CA HIS B 135 14.67 12.56 28.84
C HIS B 135 14.02 11.72 27.70
N GLY B 136 13.37 10.59 28.05
CA GLY B 136 12.71 9.68 27.09
C GLY B 136 12.96 8.21 27.39
N VAL B 137 12.62 7.31 26.47
CA VAL B 137 12.87 5.86 26.70
C VAL B 137 14.38 5.62 26.64
N ASP B 138 14.95 5.12 27.74
CA ASP B 138 16.40 4.88 27.81
C ASP B 138 16.79 3.69 26.94
N ASN B 139 17.69 3.90 25.99
CA ASN B 139 18.04 2.80 25.09
C ASN B 139 18.62 1.60 25.83
N ASP B 140 19.78 1.81 26.48
CA ASP B 140 20.50 0.74 27.17
C ASP B 140 19.83 0.09 28.42
N ALA B 141 18.93 0.81 29.08
CA ALA B 141 18.20 0.24 30.23
C ALA B 141 17.24 -0.79 29.64
N THR B 142 16.61 -0.45 28.52
CA THR B 142 15.67 -1.34 27.84
C THR B 142 16.42 -2.53 27.23
N LEU B 143 17.67 -2.33 26.80
CA LEU B 143 18.41 -3.47 26.23
C LEU B 143 18.62 -4.59 27.25
N GLU B 144 19.05 -4.24 28.46
CA GLU B 144 19.26 -5.25 29.48
C GLU B 144 17.95 -6.00 29.70
N ASN B 145 16.85 -5.24 29.67
CA ASN B 145 15.52 -5.80 29.91
C ASN B 145 15.05 -6.70 28.81
N LEU B 146 15.34 -6.34 27.58
CA LEU B 146 14.93 -7.13 26.43
C LEU B 146 15.68 -8.46 26.57
N GLY B 147 16.94 -8.39 27.00
CA GLY B 147 17.72 -9.62 27.18
C GLY B 147 17.06 -10.57 28.17
N LYS B 148 16.74 -10.09 29.37
CA LYS B 148 16.09 -10.93 30.36
C LYS B 148 14.84 -11.59 29.72
N GLN B 149 14.01 -10.79 29.02
CA GLN B 149 12.80 -11.29 28.37
C GLN B 149 13.07 -12.40 27.32
N ALA B 150 14.06 -12.16 26.48
CA ALA B 150 14.35 -13.11 25.42
C ALA B 150 14.68 -14.47 26.01
N VAL B 151 15.48 -14.48 27.09
CA VAL B 151 15.88 -15.74 27.73
C VAL B 151 14.70 -16.46 28.39
N VAL B 152 13.74 -15.72 28.96
CA VAL B 152 12.59 -16.37 29.54
C VAL B 152 11.71 -16.89 28.41
N ALA B 153 11.69 -16.17 27.30
CA ALA B 153 10.89 -16.64 26.18
C ALA B 153 11.52 -17.93 25.60
N ALA B 154 12.83 -17.90 25.34
CA ALA B 154 13.49 -19.07 24.79
C ALA B 154 13.13 -20.22 25.72
N ALA B 155 13.52 -20.10 27.00
CA ALA B 155 13.25 -21.14 27.98
C ALA B 155 11.80 -21.60 28.06
N ALA B 156 10.84 -20.76 27.63
CA ALA B 156 9.40 -21.14 27.62
C ALA B 156 9.05 -21.96 26.35
N GLY B 157 10.01 -21.99 25.41
CA GLY B 157 9.89 -22.71 24.13
C GLY B 157 9.78 -21.95 22.82
N ALA B 158 9.70 -20.62 22.89
CA ALA B 158 9.56 -19.81 21.68
C ALA B 158 10.71 -20.12 20.72
N ASP B 159 10.39 -20.34 19.43
CA ASP B 159 11.46 -20.64 18.48
C ASP B 159 12.13 -19.37 17.95
N PHE B 160 11.41 -18.24 18.03
CA PHE B 160 11.90 -16.93 17.53
C PHE B 160 11.62 -15.87 18.56
N ILE B 161 12.66 -15.08 18.86
CA ILE B 161 12.57 -13.93 19.78
C ILE B 161 12.55 -12.77 18.78
N ALA B 162 11.43 -12.03 18.74
CA ALA B 162 11.29 -10.92 17.80
C ALA B 162 11.27 -9.53 18.49
N PRO B 163 12.45 -8.85 18.63
CA PRO B 163 12.49 -7.52 19.29
C PRO B 163 11.77 -6.40 18.55
N SER B 164 10.69 -5.89 19.16
CA SER B 164 9.87 -4.84 18.54
C SER B 164 9.91 -3.48 19.21
N ALA B 165 10.88 -3.29 20.10
CA ALA B 165 11.07 -2.06 20.88
C ALA B 165 11.76 -0.96 20.09
N ALA B 166 12.14 -1.28 18.86
CA ALA B 166 12.85 -0.31 18.06
C ALA B 166 14.00 0.32 18.90
N MET B 167 14.79 -0.50 19.61
CA MET B 167 15.92 0.03 20.39
C MET B 167 17.20 -0.28 19.62
N ASP B 168 18.17 0.64 19.70
CA ASP B 168 19.48 0.44 19.02
C ASP B 168 20.24 -0.67 19.72
N GLY B 169 20.81 -1.57 18.94
CA GLY B 169 21.58 -2.64 19.54
C GLY B 169 20.77 -3.81 20.06
N GLN B 170 19.45 -3.81 19.86
CA GLN B 170 18.64 -4.91 20.42
C GLN B 170 19.02 -6.32 19.95
N VAL B 171 19.29 -6.50 18.66
CA VAL B 171 19.65 -7.84 18.18
C VAL B 171 20.92 -8.29 18.92
N GLN B 172 21.94 -7.44 18.96
CA GLN B 172 23.16 -7.79 19.66
C GLN B 172 22.94 -8.19 21.13
N ALA B 173 22.24 -7.33 21.86
CA ALA B 173 21.93 -7.58 23.26
C ALA B 173 21.15 -8.90 23.40
N ILE B 174 20.06 -9.05 22.65
CA ILE B 174 19.28 -10.29 22.73
C ILE B 174 20.13 -11.50 22.32
N ARG B 175 20.88 -11.38 21.22
CA ARG B 175 21.77 -12.48 20.76
C ARG B 175 22.73 -12.89 21.91
N GLN B 176 23.39 -11.93 22.55
CA GLN B 176 24.33 -12.29 23.63
C GLN B 176 23.63 -12.92 24.79
N ALA B 177 22.57 -12.24 25.20
CA ALA B 177 21.77 -12.71 26.29
C ALA B 177 21.32 -14.18 26.10
N LEU B 178 20.88 -14.53 24.87
CA LEU B 178 20.40 -15.89 24.52
C LEU B 178 21.53 -16.93 24.46
N ASP B 179 22.67 -16.55 23.92
CA ASP B 179 23.81 -17.46 23.86
C ASP B 179 24.30 -17.76 25.30
N ALA B 180 24.51 -16.70 26.09
CA ALA B 180 24.95 -16.80 27.49
C ALA B 180 24.06 -17.77 28.31
N ALA B 181 22.78 -17.77 27.97
CA ALA B 181 21.80 -18.61 28.62
C ALA B 181 21.59 -20.01 27.95
N GLY B 182 22.53 -20.42 27.09
CA GLY B 182 22.45 -21.70 26.41
C GLY B 182 21.32 -21.87 25.40
N PHE B 183 20.99 -20.76 24.72
CA PHE B 183 19.97 -20.72 23.68
C PHE B 183 20.66 -20.15 22.44
N LYS B 184 21.86 -20.67 22.15
CA LYS B 184 22.64 -20.24 20.99
C LYS B 184 21.85 -20.71 19.75
N ASP B 185 20.85 -21.57 19.98
CA ASP B 185 20.03 -22.13 18.89
C ASP B 185 18.71 -21.38 18.70
N THR B 186 18.41 -20.48 19.62
CA THR B 186 17.17 -19.71 19.53
C THR B 186 17.37 -18.58 18.49
N ALA B 187 16.52 -18.57 17.48
CA ALA B 187 16.65 -17.56 16.46
C ALA B 187 16.05 -16.21 16.85
N ILE B 188 16.40 -15.19 16.06
CA ILE B 188 15.96 -13.81 16.22
C ILE B 188 15.31 -13.29 14.96
N MET B 189 14.05 -12.95 15.09
CA MET B 189 13.28 -12.34 14.02
C MET B 189 13.22 -10.85 14.38
N SER B 190 14.17 -10.04 13.89
CA SER B 190 14.16 -8.61 14.19
C SER B 190 13.15 -7.77 13.44
N TYR B 191 12.45 -6.88 14.13
CA TYR B 191 11.52 -5.97 13.41
C TYR B 191 12.58 -4.92 13.09
N SER B 192 13.43 -5.21 12.11
CA SER B 192 14.55 -4.31 11.78
C SER B 192 14.23 -2.90 11.32
N THR B 193 13.31 -2.79 10.37
CA THR B 193 12.92 -1.50 9.87
C THR B 193 11.47 -1.37 10.33
N LYS B 194 11.38 -0.67 11.46
CA LYS B 194 10.13 -0.46 12.13
C LYS B 194 9.86 1.04 12.17
N PHE B 195 8.92 1.45 11.33
CA PHE B 195 8.49 2.84 11.15
C PHE B 195 7.50 3.37 12.19
N ALA B 196 7.56 4.67 12.46
CA ALA B 196 6.66 5.35 13.39
C ALA B 196 5.52 5.69 12.47
N SER B 197 4.71 4.69 12.19
CA SER B 197 3.63 4.81 11.24
C SER B 197 2.23 4.97 11.78
N SER B 198 1.43 5.72 11.06
CA SER B 198 0.05 5.93 11.44
C SER B 198 -0.86 4.74 11.07
N PHE B 199 -0.32 3.66 10.47
CA PHE B 199 -1.14 2.50 10.08
C PHE B 199 -1.36 1.55 11.26
N TYR B 200 -0.82 1.93 12.41
CA TYR B 200 -0.96 1.14 13.60
C TYR B 200 -2.20 1.66 14.38
N GLY B 201 -2.94 2.61 13.81
CA GLY B 201 -4.13 3.16 14.47
C GLY B 201 -4.84 2.19 15.41
N PRO B 202 -5.47 1.12 14.87
CA PRO B 202 -6.18 0.13 15.69
C PRO B 202 -5.41 -0.79 16.67
N PHE B 203 -4.07 -0.65 16.82
CA PHE B 203 -3.22 -1.52 17.71
C PHE B 203 -3.18 -1.16 19.21
N ARG B 204 -3.36 0.13 19.55
CA ARG B 204 -3.34 0.52 20.96
C ARG B 204 -4.57 -0.12 21.66
N GLU B 205 -5.66 -0.25 20.87
CA GLU B 205 -6.94 -0.85 21.27
C GLU B 205 -6.82 -2.37 21.28
N ALA B 206 -6.31 -2.95 20.18
CA ALA B 206 -6.10 -4.40 20.04
C ALA B 206 -5.13 -5.02 21.07
N ALA B 207 -3.98 -4.38 21.26
CA ALA B 207 -2.93 -4.84 22.17
C ALA B 207 -3.05 -4.32 23.61
N GLY B 208 -3.83 -3.25 23.78
CA GLY B 208 -4.04 -2.68 25.10
C GLY B 208 -2.80 -1.97 25.63
N SER B 209 -2.14 -1.25 24.74
CA SER B 209 -0.97 -0.53 25.17
C SER B 209 -1.45 0.81 25.75
N ALA B 210 -0.90 1.09 26.94
CA ALA B 210 -1.14 2.28 27.73
C ALA B 210 -0.71 3.62 27.12
N LEU B 211 0.27 3.62 26.21
CA LEU B 211 0.77 4.88 25.64
C LEU B 211 -0.26 5.89 25.14
N LYS B 212 -0.02 7.13 25.56
CA LYS B 212 -0.83 8.27 25.20
C LYS B 212 -0.18 9.04 24.02
N GLY B 213 1.13 9.35 24.14
CA GLY B 213 1.86 10.11 23.10
C GLY B 213 2.34 9.45 21.80
N ASP B 214 3.59 9.73 21.39
CA ASP B 214 4.14 9.10 20.18
C ASP B 214 5.41 8.24 20.39
N ARG B 215 5.73 7.41 19.41
CA ARG B 215 6.92 6.58 19.53
C ARG B 215 7.93 7.04 18.47
N LYS B 216 8.07 8.34 18.30
CA LYS B 216 8.96 8.86 17.28
C LYS B 216 10.43 9.04 17.55
N SER B 217 10.82 8.87 18.81
CA SER B 217 12.20 9.04 19.21
C SER B 217 12.97 7.74 19.05
N TYR B 218 12.24 6.66 18.75
CA TYR B 218 12.82 5.33 18.56
C TYR B 218 12.34 4.63 17.27
N GLN B 219 11.04 4.64 17.03
CA GLN B 219 10.50 4.07 15.81
C GLN B 219 10.91 5.13 14.79
N MET B 220 11.29 4.69 13.59
CA MET B 220 11.82 5.61 12.59
C MET B 220 10.83 6.34 11.64
N ASN B 221 11.29 7.46 11.07
CA ASN B 221 10.50 8.29 10.16
C ASN B 221 10.14 7.56 8.82
N PRO B 222 8.84 7.53 8.47
CA PRO B 222 8.34 6.88 7.25
C PRO B 222 9.03 7.29 5.96
N MET B 223 9.49 8.53 5.91
CA MET B 223 10.09 9.08 4.69
C MET B 223 11.56 8.75 4.49
N ASN B 224 12.16 8.07 5.43
CA ASN B 224 13.57 7.89 5.22
C ASN B 224 13.97 6.55 4.66
N ARG B 225 13.96 6.48 3.32
CA ARG B 225 14.32 5.24 2.64
C ARG B 225 15.72 4.78 2.89
N ARG B 226 16.68 5.71 2.94
CA ARG B 226 18.09 5.31 3.16
C ARG B 226 18.31 4.81 4.57
N GLU B 227 17.70 5.48 5.54
CA GLU B 227 17.75 5.10 6.95
C GLU B 227 17.11 3.72 7.14
N ALA B 228 15.97 3.52 6.50
CA ALA B 228 15.24 2.24 6.55
C ALA B 228 16.24 1.09 6.26
N ILE B 229 16.98 1.21 5.18
CA ILE B 229 17.96 0.19 4.81
C ILE B 229 19.10 0.07 5.85
N ARG B 230 19.66 1.21 6.27
CA ARG B 230 20.74 1.21 7.25
C ARG B 230 20.29 0.37 8.48
N GLU B 231 19.05 0.65 8.95
CA GLU B 231 18.42 -0.01 10.11
C GLU B 231 18.51 -1.51 9.97
N SER B 232 18.00 -2.04 8.86
CA SER B 232 18.05 -3.49 8.70
C SER B 232 19.44 -4.09 8.55
N LEU B 233 20.33 -3.38 7.85
CA LEU B 233 21.68 -3.89 7.63
C LEU B 233 22.48 -3.89 8.93
N LEU B 234 22.22 -2.91 9.79
CA LEU B 234 22.88 -2.94 11.10
C LEU B 234 22.42 -4.22 11.82
N ASP B 235 21.14 -4.64 11.62
CA ASP B 235 20.67 -5.86 12.30
C ASP B 235 21.18 -7.14 11.75
N GLU B 236 21.53 -7.11 10.45
CA GLU B 236 22.12 -8.29 9.79
C GLU B 236 23.51 -8.43 10.43
N ALA B 237 24.24 -7.31 10.51
CA ALA B 237 25.59 -7.28 11.13
C ALA B 237 25.56 -7.75 12.61
N GLN B 238 24.39 -7.64 13.25
CA GLN B 238 24.21 -8.05 14.62
C GLN B 238 23.71 -9.48 14.75
N GLY B 239 23.53 -10.15 13.61
CA GLY B 239 23.18 -11.55 13.70
C GLY B 239 21.78 -12.00 13.57
N ALA B 240 20.87 -11.07 13.28
CA ALA B 240 19.45 -11.42 13.14
C ALA B 240 19.34 -12.55 12.10
N ASP B 241 18.53 -13.56 12.40
CA ASP B 241 18.34 -14.69 11.48
C ASP B 241 17.41 -14.28 10.40
N CYS B 242 16.59 -13.31 10.75
CA CYS B 242 15.63 -12.79 9.84
C CYS B 242 15.41 -11.28 10.05
N LEU B 243 15.27 -10.53 8.95
CA LEU B 243 15.01 -9.07 8.94
C LEU B 243 13.50 -8.81 8.70
N MET B 244 13.04 -7.58 8.93
CA MET B 244 11.62 -7.32 8.70
C MET B 244 11.34 -5.85 8.38
N VAL B 245 10.29 -5.59 7.58
CA VAL B 245 9.89 -4.23 7.23
C VAL B 245 8.48 -4.08 7.78
N LYS B 246 8.24 -3.05 8.60
CA LYS B 246 6.90 -2.89 9.21
C LYS B 246 6.60 -1.45 9.52
N PRO B 247 5.43 -0.98 9.04
CA PRO B 247 4.45 -1.74 8.25
C PRO B 247 4.94 -2.13 6.82
N ALA B 248 4.21 -3.04 6.15
CA ALA B 248 4.62 -3.51 4.82
C ALA B 248 3.84 -2.89 3.70
N GLY B 249 2.53 -2.80 3.84
CA GLY B 249 1.72 -2.25 2.77
C GLY B 249 2.12 -1.00 2.01
N ALA B 250 2.48 0.04 2.76
CA ALA B 250 2.86 1.31 2.12
C ALA B 250 4.39 1.45 2.04
N TYR B 251 5.09 0.33 2.21
CA TYR B 251 6.56 0.28 2.19
C TYR B 251 7.13 -0.77 1.23
N LEU B 252 6.37 -1.03 0.16
CA LEU B 252 6.80 -2.05 -0.78
C LEU B 252 8.16 -1.66 -1.43
N ASP B 253 8.45 -0.37 -1.51
CA ASP B 253 9.73 0.10 -2.09
C ASP B 253 10.89 -0.31 -1.18
N ILE B 254 10.61 -0.20 0.11
CA ILE B 254 11.57 -0.50 1.14
C ILE B 254 11.87 -1.95 1.07
N VAL B 255 10.81 -2.78 0.92
CA VAL B 255 10.94 -4.26 0.82
C VAL B 255 11.88 -4.69 -0.36
N ARG B 256 11.62 -4.12 -1.53
CA ARG B 256 12.38 -4.36 -2.79
C ARG B 256 13.82 -3.87 -2.65
N GLU B 257 14.02 -2.66 -2.13
CA GLU B 257 15.38 -2.14 -1.91
C GLU B 257 16.12 -3.05 -0.94
N LEU B 258 15.50 -3.40 0.16
CA LEU B 258 16.18 -4.28 1.06
C LEU B 258 16.41 -5.71 0.44
N ARG B 259 15.49 -6.25 -0.37
CA ARG B 259 15.72 -7.59 -0.94
C ARG B 259 17.04 -7.64 -1.75
N GLU B 260 17.36 -6.50 -2.35
CA GLU B 260 18.54 -6.25 -3.20
C GLU B 260 19.81 -5.90 -2.42
N ARG B 261 19.69 -5.65 -1.12
CA ARG B 261 20.82 -5.26 -0.30
C ARG B 261 21.27 -6.31 0.74
N THR B 262 20.56 -7.45 0.81
CA THR B 262 20.84 -8.57 1.70
C THR B 262 20.40 -9.97 1.09
N GLU B 263 21.04 -11.05 1.54
CA GLU B 263 20.73 -12.44 1.11
C GLU B 263 19.92 -13.11 2.25
N LEU B 264 19.67 -12.35 3.33
CA LEU B 264 18.92 -12.86 4.48
C LEU B 264 17.39 -12.92 4.24
N PRO B 265 16.67 -13.81 4.98
CA PRO B 265 15.21 -13.84 4.78
C PRO B 265 14.64 -12.50 5.26
N ILE B 266 13.58 -12.02 4.62
CA ILE B 266 12.87 -10.79 4.98
C ILE B 266 11.36 -11.03 5.30
N GLY B 267 10.94 -10.56 6.46
CA GLY B 267 9.53 -10.64 6.83
C GLY B 267 8.87 -9.27 6.52
N ALA B 268 7.57 -9.24 6.32
CA ALA B 268 6.86 -7.99 6.06
C ALA B 268 5.56 -8.03 6.87
N TYR B 269 5.33 -7.02 7.69
CA TYR B 269 4.15 -7.01 8.52
C TYR B 269 2.98 -6.17 7.99
N GLN B 270 1.90 -6.82 7.56
CA GLN B 270 0.69 -6.13 7.11
C GLN B 270 -0.02 -5.78 8.42
N VAL B 271 0.23 -4.57 8.90
CA VAL B 271 -0.28 -4.12 10.19
C VAL B 271 -1.78 -3.98 10.35
N SER B 272 -2.21 -3.76 11.60
CA SER B 272 -3.62 -3.57 11.95
C SER B 272 -4.45 -2.61 11.05
N GLY B 273 -3.93 -1.41 10.86
CA GLY B 273 -4.63 -0.40 10.06
C GLY B 273 -4.77 -0.86 8.64
N GLU B 274 -3.88 -1.72 8.20
CA GLU B 274 -3.98 -2.22 6.84
C GLU B 274 -5.17 -3.21 6.83
N TYR B 275 -5.20 -4.11 7.82
CA TYR B 275 -6.26 -5.08 8.02
C TYR B 275 -7.62 -4.28 8.05
N ALA B 276 -7.73 -3.26 8.91
CA ALA B 276 -8.95 -2.41 9.05
C ALA B 276 -9.39 -1.73 7.76
N MET B 277 -8.46 -1.12 7.04
CA MET B 277 -8.82 -0.46 5.80
C MET B 277 -9.51 -1.40 4.83
N ILE B 278 -9.01 -2.63 4.70
CA ILE B 278 -9.61 -3.61 3.79
C ILE B 278 -11.01 -4.06 4.31
N LYS B 279 -11.14 -4.32 5.61
CA LYS B 279 -12.43 -4.71 6.24
C LYS B 279 -13.52 -3.68 6.00
N PHE B 280 -13.30 -2.48 6.51
CA PHE B 280 -14.29 -1.43 6.40
C PHE B 280 -14.71 -1.01 4.97
N ALA B 281 -13.76 -0.96 4.05
CA ALA B 281 -14.16 -0.59 2.71
C ALA B 281 -15.02 -1.73 2.17
N ALA B 282 -14.67 -2.97 2.53
CA ALA B 282 -15.38 -4.18 2.11
C ALA B 282 -16.81 -4.18 2.64
N LEU B 283 -16.92 -3.82 3.92
CA LEU B 283 -18.19 -3.71 4.65
C LEU B 283 -19.01 -2.60 3.99
N ALA B 284 -18.34 -1.50 3.69
CA ALA B 284 -19.03 -0.37 3.10
C ALA B 284 -19.27 -0.60 1.59
N GLY B 285 -19.22 -1.88 1.19
CA GLY B 285 -19.39 -2.25 -0.21
C GLY B 285 -18.41 -1.76 -1.28
N ALA B 286 -17.40 -0.96 -0.92
CA ALA B 286 -16.48 -0.40 -1.92
C ALA B 286 -15.49 -1.33 -2.59
N ILE B 287 -15.22 -2.48 -2.01
CA ILE B 287 -14.27 -3.38 -2.60
C ILE B 287 -14.64 -4.84 -2.29
N ASP B 288 -14.07 -5.74 -3.09
CA ASP B 288 -14.25 -7.15 -2.93
C ASP B 288 -13.11 -7.63 -2.00
N GLU B 289 -13.42 -7.95 -0.74
CA GLU B 289 -12.37 -8.35 0.17
C GLU B 289 -11.42 -9.46 -0.31
N GLU B 290 -11.97 -10.56 -0.77
CA GLU B 290 -11.13 -11.68 -1.18
C GLU B 290 -10.07 -11.32 -2.19
N LYS B 291 -10.50 -10.51 -3.17
CA LYS B 291 -9.68 -10.05 -4.26
C LYS B 291 -8.65 -9.00 -3.85
N VAL B 292 -8.97 -8.18 -2.85
CA VAL B 292 -8.06 -7.15 -2.33
C VAL B 292 -7.05 -7.79 -1.33
N VAL B 293 -7.54 -8.71 -0.50
CA VAL B 293 -6.67 -9.38 0.46
C VAL B 293 -5.60 -10.17 -0.30
N LEU B 294 -6.04 -10.97 -1.26
CA LEU B 294 -5.13 -11.79 -2.04
C LEU B 294 -4.06 -10.97 -2.84
N GLU B 295 -4.51 -9.88 -3.45
CA GLU B 295 -3.70 -8.97 -4.24
C GLU B 295 -2.75 -8.19 -3.30
N SER B 296 -3.25 -7.76 -2.16
CA SER B 296 -2.36 -7.06 -1.24
C SER B 296 -1.23 -7.96 -0.73
N LEU B 297 -1.59 -9.16 -0.33
CA LEU B 297 -0.60 -10.09 0.18
C LEU B 297 0.39 -10.55 -0.89
N GLY B 298 -0.10 -10.76 -2.10
CA GLY B 298 0.78 -11.18 -3.14
C GLY B 298 1.71 -10.07 -3.54
N SER B 299 1.27 -8.84 -3.38
CA SER B 299 2.09 -7.69 -3.74
C SER B 299 3.29 -7.66 -2.81
N ILE B 300 3.06 -7.97 -1.55
CA ILE B 300 4.08 -7.99 -0.54
C ILE B 300 5.12 -9.03 -0.91
N LYS B 301 4.62 -10.13 -1.41
CA LYS B 301 5.46 -11.23 -1.84
C LYS B 301 6.25 -10.83 -3.09
N ARG B 302 5.59 -10.20 -4.06
CA ARG B 302 6.24 -9.75 -5.30
C ARG B 302 7.38 -8.79 -5.05
N ALA B 303 7.27 -7.99 -3.99
CA ALA B 303 8.28 -6.99 -3.63
C ALA B 303 9.53 -7.59 -2.97
N GLY B 304 9.45 -8.85 -2.56
CA GLY B 304 10.63 -9.45 -1.97
C GLY B 304 10.45 -10.07 -0.61
N ALA B 305 9.25 -9.95 -0.04
CA ALA B 305 9.01 -10.52 1.28
C ALA B 305 9.01 -12.00 1.21
N ASP B 306 9.78 -12.63 2.12
CA ASP B 306 9.84 -14.09 2.21
C ASP B 306 8.64 -14.69 3.04
N LEU B 307 8.31 -13.96 4.13
CA LEU B 307 7.23 -14.23 5.12
C LEU B 307 6.41 -12.94 5.28
N ILE B 308 5.08 -13.08 5.42
CA ILE B 308 4.15 -11.96 5.59
C ILE B 308 3.24 -12.24 6.79
N PHE B 309 3.34 -11.36 7.80
CA PHE B 309 2.53 -11.40 9.02
C PHE B 309 1.21 -10.78 8.67
N SER B 310 0.17 -11.59 8.67
CA SER B 310 -1.17 -11.16 8.30
C SER B 310 -2.25 -11.63 9.26
N TYR B 311 -3.19 -10.75 9.57
CA TYR B 311 -4.31 -11.07 10.45
C TYR B 311 -5.40 -11.90 9.70
N PHE B 312 -5.33 -11.91 8.37
CA PHE B 312 -6.29 -12.66 7.53
C PHE B 312 -5.87 -14.11 7.37
N ALA B 313 -4.74 -14.49 7.96
CA ALA B 313 -4.24 -15.84 7.74
C ALA B 313 -5.10 -17.07 8.08
N LEU B 314 -5.84 -17.02 9.18
CA LEU B 314 -6.63 -18.17 9.53
C LEU B 314 -7.86 -18.24 8.60
N ASP B 315 -8.51 -17.10 8.47
CA ASP B 315 -9.67 -16.97 7.62
C ASP B 315 -9.27 -17.46 6.18
N LEU B 316 -8.15 -16.98 5.65
CA LEU B 316 -7.72 -17.41 4.32
C LEU B 316 -7.46 -18.89 4.32
N ALA B 317 -6.96 -19.39 5.44
CA ALA B 317 -6.62 -20.82 5.60
C ALA B 317 -7.78 -21.82 5.69
N GLU B 318 -8.71 -21.53 6.58
CA GLU B 318 -9.89 -22.35 6.84
C GLU B 318 -10.83 -22.34 5.66
N LYS B 319 -11.08 -21.14 5.12
CA LYS B 319 -11.95 -20.99 3.95
C LYS B 319 -11.22 -21.63 2.76
N LYS B 320 -10.02 -22.12 3.05
CA LYS B 320 -9.15 -22.77 2.10
C LYS B 320 -8.89 -21.92 0.84
N ILE B 321 -8.63 -20.62 1.02
CA ILE B 321 -8.33 -19.72 -0.11
C ILE B 321 -6.87 -19.93 -0.50
N LEU B 322 -5.97 -20.09 0.49
CA LEU B 322 -4.54 -20.36 0.29
C LEU B 322 -4.16 -21.72 0.91
N ARG B 323 -3.51 -22.58 0.15
CA ARG B 323 -3.11 -23.89 0.65
C ARG B 323 -1.62 -23.95 1.00
ZN ZN C . -10.52 2.23 -20.24
MG MG D . 1.85 -1.22 -23.04
C7 4OX E . -9.43 1.79 -15.83
C8 4OX E . -10.44 0.64 -15.77
C9 4OX E . -11.20 0.60 -14.41
C10 4OX E . -12.36 -0.47 -14.37
OT1 4OX E . -12.12 -1.68 -13.99
OT2 4OX E . -13.52 -0.06 -14.71
O1 4OX E . -9.64 5.49 -9.56
C1 4OX E . -9.43 4.40 -10.13
OH1 4OX E . -9.88 3.30 -9.76
C2 4OX E . -8.48 4.39 -11.32
C3 4OX E . -9.14 4.78 -12.64
C4 4OX E . -8.33 4.33 -13.82
C5 4OX E . -8.98 4.33 -15.21
C6 4OX E . -10.04 3.18 -15.39
C1 GOL F . -15.89 5.03 -36.75
O1 GOL F . -15.25 3.70 -36.63
C2 GOL F . -17.31 5.10 -35.96
O2 GOL F . -18.17 3.93 -36.14
C3 GOL F . -18.09 6.53 -35.77
O3 GOL F . -17.29 7.69 -36.24
C1 GOL G . -6.84 6.26 -40.15
O1 GOL G . -7.84 6.50 -39.12
C2 GOL G . -5.39 6.70 -39.65
O2 GOL G . -4.69 7.61 -40.57
C3 GOL G . -4.47 5.58 -38.98
O3 GOL G . -5.16 4.30 -38.88
C1 GOL H . 16.66 19.49 21.34
O1 GOL H . 16.12 19.38 19.97
C2 GOL H . 16.99 18.06 22.00
O2 GOL H . 17.96 17.21 21.30
C3 GOL H . 15.81 17.28 22.74
O3 GOL H . 14.52 18.01 22.72
C1 GOL I . -16.83 19.59 -43.30
O1 GOL I . -18.23 20.01 -43.55
C2 GOL I . -16.73 18.01 -42.99
O2 GOL I . -17.87 17.45 -42.22
C3 GOL I . -15.30 17.45 -42.55
O3 GOL I . -14.27 18.49 -42.52
ZN ZN J . 6.58 -1.91 21.65
MG MG K . 17.46 -0.81 14.53
C7 4OX L . 4.51 -1.89 17.71
C8 4OX L . 3.98 -0.66 18.32
C9 4OX L . 2.48 -0.45 18.16
C10 4OX L . 2.12 0.91 18.80
OT1 4OX L . 2.40 2.00 18.20
OT2 4OX L . 1.55 0.85 19.93
O1 4OX L . -0.84 -4.95 13.44
C1 4OX L . -0.15 -4.06 14.02
OH1 4OX L . -0.40 -2.81 13.97
C2 4OX L . 1.09 -4.55 14.81
C3 4OX L . 1.84 -3.33 15.34
C4 4OX L . 3.31 -3.58 15.45
C5 4OX L . 3.83 -4.11 16.75
C6 4OX L . 3.58 -3.08 17.90
C1 GOL M . -3.09 -27.97 3.47
O1 GOL M . -2.49 -28.36 2.18
C2 GOL M . -2.90 -26.40 3.70
O2 GOL M . -1.62 -26.10 4.33
C3 GOL M . -4.12 -25.63 4.35
O3 GOL M . -5.23 -26.50 4.68
#